data_2O1V
#
_entry.id   2O1V
#
_cell.length_a   99.080
_cell.length_b   108.850
_cell.length_c   148.980
_cell.angle_alpha   90.00
_cell.angle_beta   90.00
_cell.angle_gamma   90.00
#
_symmetry.space_group_name_H-M   'P 21 21 21'
#
loop_
_entity.id
_entity.type
_entity.pdbx_description
1 polymer Endoplasmin
2 non-polymer 'MAGNESIUM ION'
3 non-polymer "ADENOSINE-5'-DIPHOSPHATE"
4 water water
#
_entity_poly.entity_id   1
_entity_poly.type   'polypeptide(L)'
_entity_poly.pdbx_seq_one_letter_code
;MGSSHHHHHHSSGLVPRGSHMSEKFAFQAEVNRMMKLIINSLYKNKEIFLRELISNASDALDKIRLISLTDENALAGNEE
LTVKIKCDKEKNLLHVTDTGVGMTREELVKNLGTIAKSGTSEFLNKMTEAQEDGQSTSELIGQFGVGFYSAFLVADKVIV
TSKHNNDTQHIWESDSNEFSVIADPRGNTLGRGTTITLVLKEEASDYLELDTIKNLVKKYSQFINFPIYVWSSKTGGGGK
TVWDWELMNDIKPIWQRPSKEVEDDEYKAFYKSFSKESDDPMAYIHFTAEGEVTFKSILFVPTSAPRGLFDEYGSKKSDY
IKLYVRRVFITDDFHDMMPKYLNFVKGVVDSDDLPLNVSRETLQQHKLLKVIRKKLVRKTLDMIKKIADEKYNDTFWKEF
GTNIKLGVIEDHSNRTRLAKLLRFQSSHHPSDITSLDQYVERMKEKQDKIYFMAGSSRKEAESSPFVERLLKKGYEVIYL
TEPVDEYCIQALPEFDGKRFQNVAKEGVKFDESEKTKESREAIEKEFEPLLNWMKDKALKDKIEKAVVSQRLTESPCALV
ASQYGWSGNMERIMKAQAYQTGKDISTNYYASQKKTFEINPRHPLIKDMLRRVKEDEDDKTVSDLAVVLFETATLRSGYL
LPDTKAYGDRIERMLRLSLNIDPDAK
;
_entity_poly.pdbx_strand_id   A,B
#
loop_
_chem_comp.id
_chem_comp.type
_chem_comp.name
_chem_comp.formula
ADP non-polymer ADENOSINE-5'-DIPHOSPHATE 'C10 H15 N5 O10 P2'
MG non-polymer 'MAGNESIUM ION' 'Mg 2'
#
# COMPACT_ATOMS: atom_id res chain seq x y z
CA MET A 34 -12.93 27.08 8.91
C MET A 34 -12.58 28.50 8.50
N MET A 35 -13.53 29.42 8.68
CA MET A 35 -13.35 30.82 8.32
C MET A 35 -13.37 31.71 9.57
N LYS A 36 -14.56 32.17 9.96
CA LYS A 36 -14.74 32.99 11.14
C LYS A 36 -15.44 32.22 12.27
N LEU A 37 -15.47 30.89 12.12
CA LEU A 37 -16.06 30.00 13.11
C LEU A 37 -14.98 29.09 13.70
N ILE A 38 -13.86 29.71 14.04
CA ILE A 38 -12.71 29.05 14.64
C ILE A 38 -12.53 29.70 16.01
N ILE A 39 -13.15 30.86 16.18
CA ILE A 39 -13.11 31.62 17.43
C ILE A 39 -14.05 30.97 18.46
N ASN A 40 -15.22 30.54 18.01
CA ASN A 40 -16.23 29.91 18.87
C ASN A 40 -15.88 28.48 19.29
N SER A 41 -15.13 27.77 18.44
CA SER A 41 -14.72 26.40 18.73
C SER A 41 -13.61 26.38 19.78
N LEU A 42 -12.84 27.48 19.86
CA LEU A 42 -11.76 27.62 20.82
C LEU A 42 -11.93 28.84 21.73
N TYR A 43 -13.17 29.08 22.17
CA TYR A 43 -13.47 30.18 23.09
C TYR A 43 -13.07 29.72 24.49
N LYS A 44 -13.04 28.40 24.63
CA LYS A 44 -12.65 27.72 25.86
C LYS A 44 -11.15 27.96 26.00
N ASN A 45 -10.40 27.49 25.01
CA ASN A 45 -8.96 27.62 24.98
C ASN A 45 -8.55 28.82 24.12
N LYS A 46 -8.56 30.03 24.69
CA LYS A 46 -8.11 31.20 23.95
C LYS A 46 -6.79 31.75 24.48
N GLU A 47 -6.39 31.29 25.67
CA GLU A 47 -5.12 31.69 26.27
C GLU A 47 -3.95 30.96 25.59
N ILE A 48 -4.28 29.97 24.77
CA ILE A 48 -3.29 29.15 24.07
C ILE A 48 -2.57 29.84 22.92
N PHE A 49 -3.07 31.02 22.53
CA PHE A 49 -2.50 31.79 21.45
C PHE A 49 -1.01 32.00 21.65
N LEU A 50 -0.59 32.13 22.91
CA LEU A 50 0.81 32.39 23.23
C LEU A 50 1.67 31.17 22.96
N ARG A 51 1.22 30.01 23.41
CA ARG A 51 1.91 28.75 23.17
C ARG A 51 2.25 28.65 21.69
N GLU A 52 1.25 28.91 20.84
CA GLU A 52 1.39 28.84 19.38
C GLU A 52 2.39 29.84 18.79
N LEU A 53 2.63 30.94 19.50
CA LEU A 53 3.57 31.94 19.03
C LEU A 53 4.99 31.60 19.51
N ILE A 54 5.05 30.87 20.64
CA ILE A 54 6.35 30.49 21.20
C ILE A 54 6.86 29.26 20.43
N SER A 55 5.94 28.35 20.17
CA SER A 55 6.21 27.13 19.41
C SER A 55 6.82 27.46 18.03
N ASN A 56 6.28 28.48 17.37
CA ASN A 56 6.77 28.92 16.06
C ASN A 56 8.12 29.63 16.15
N ALA A 57 8.29 30.43 17.20
CA ALA A 57 9.56 31.12 17.42
C ALA A 57 10.65 30.07 17.66
N SER A 58 10.32 29.03 18.44
CA SER A 58 11.27 27.95 18.71
C SER A 58 11.59 27.22 17.42
N ASP A 59 10.58 26.98 16.60
CA ASP A 59 10.76 26.32 15.30
C ASP A 59 11.66 27.16 14.40
N ALA A 60 11.48 28.46 14.47
CA ALA A 60 12.28 29.37 13.68
C ALA A 60 13.73 29.37 14.16
N LEU A 61 13.93 29.25 15.47
CA LEU A 61 15.27 29.21 16.06
C LEU A 61 16.01 27.91 15.76
N ASP A 62 15.27 26.79 15.69
CA ASP A 62 15.82 25.48 15.35
C ASP A 62 16.37 25.51 13.94
N LYS A 63 15.65 26.18 13.05
CA LYS A 63 15.99 26.22 11.64
C LYS A 63 17.23 27.05 11.34
N ILE A 64 17.34 28.20 11.99
CA ILE A 64 18.51 29.04 11.74
C ILE A 64 19.75 28.44 12.40
N ARG A 65 19.56 27.79 13.55
CA ARG A 65 20.67 27.15 14.26
C ARG A 65 21.18 25.96 13.47
N LEU A 66 20.28 25.31 12.73
CA LEU A 66 20.62 24.15 11.90
C LEU A 66 21.46 24.57 10.69
N ILE A 67 21.13 25.73 10.12
CA ILE A 67 21.84 26.27 8.98
C ILE A 67 23.27 26.63 9.37
N SER A 68 23.41 27.19 10.57
CA SER A 68 24.71 27.64 11.12
C SER A 68 25.74 26.54 11.31
N LEU A 69 25.31 25.28 11.23
CA LEU A 69 26.20 24.14 11.41
C LEU A 69 27.07 23.90 10.17
N THR A 70 26.64 24.43 9.03
CA THR A 70 27.39 24.30 7.79
C THR A 70 27.74 25.67 7.21
N ASP A 71 27.18 26.72 7.80
CA ASP A 71 27.40 28.10 7.35
C ASP A 71 27.94 28.93 8.50
N GLU A 72 29.25 29.22 8.44
CA GLU A 72 29.94 29.97 9.48
C GLU A 72 29.32 31.34 9.81
N ASN A 73 29.00 32.12 8.77
CA ASN A 73 28.44 33.47 8.95
C ASN A 73 26.92 33.58 8.91
N ALA A 74 26.24 32.50 9.29
CA ALA A 74 24.77 32.46 9.29
C ALA A 74 24.14 33.25 10.45
N LEU A 75 24.96 33.65 11.42
CA LEU A 75 24.48 34.42 12.56
C LEU A 75 25.02 35.88 12.58
N ALA A 76 25.55 36.33 11.45
CA ALA A 76 26.12 37.68 11.33
C ALA A 76 25.13 38.83 11.53
N GLY A 77 23.85 38.58 11.24
CA GLY A 77 22.81 39.59 11.41
C GLY A 77 22.44 39.80 12.87
N ASN A 78 22.25 38.69 13.58
CA ASN A 78 21.92 38.72 15.00
C ASN A 78 22.55 37.49 15.67
N GLU A 79 23.49 37.77 16.56
CA GLU A 79 24.29 36.75 17.25
C GLU A 79 23.48 35.77 18.10
N GLU A 80 22.60 36.31 18.94
CA GLU A 80 21.83 35.48 19.88
C GLU A 80 20.64 34.70 19.31
N LEU A 81 20.19 33.71 20.08
CA LEU A 81 19.06 32.87 19.72
C LEU A 81 18.13 32.95 20.93
N THR A 82 17.03 33.82 20.75
CA THR A 82 16.16 34.14 21.88
C THR A 82 14.66 34.29 21.50
N VAL A 83 13.83 34.46 22.57
CA VAL A 83 12.40 34.74 22.41
C VAL A 83 12.09 35.93 23.33
N LYS A 84 11.74 37.10 22.73
CA LYS A 84 11.51 38.33 23.49
C LYS A 84 10.05 38.79 23.43
N ILE A 85 9.48 39.08 24.61
CA ILE A 85 8.06 39.47 24.65
C ILE A 85 7.86 40.82 25.33
N LYS A 86 7.25 41.77 24.61
CA LYS A 86 7.02 43.12 25.17
C LYS A 86 5.55 43.48 25.37
N CYS A 87 5.26 44.06 26.55
CA CYS A 87 3.92 44.52 26.89
C CYS A 87 3.85 46.01 26.61
N ASP A 88 2.95 46.38 25.70
CA ASP A 88 2.78 47.78 25.33
C ASP A 88 1.29 48.15 25.43
N LYS A 89 0.83 48.34 26.67
CA LYS A 89 -0.58 48.67 26.95
C LYS A 89 -1.03 49.91 26.19
N GLU A 90 -0.23 50.97 26.26
CA GLU A 90 -0.50 52.26 25.61
C GLU A 90 -0.98 52.20 24.17
N LYS A 91 -0.32 51.38 23.36
CA LYS A 91 -0.63 51.28 21.94
C LYS A 91 -1.54 50.10 21.58
N ASN A 92 -1.90 49.33 22.61
CA ASN A 92 -2.75 48.14 22.48
C ASN A 92 -2.05 47.11 21.58
N LEU A 93 -0.76 46.89 21.85
CA LEU A 93 0.06 45.98 21.05
C LEU A 93 0.88 44.97 21.89
N LEU A 94 0.78 43.69 21.54
CA LEU A 94 1.58 42.66 22.23
C LEU A 94 2.65 42.17 21.25
N HIS A 95 3.93 42.33 21.64
CA HIS A 95 5.06 41.95 20.78
C HIS A 95 5.74 40.65 21.16
N VAL A 96 5.99 39.80 20.11
CA VAL A 96 6.69 38.53 20.31
C VAL A 96 7.85 38.50 19.32
N THR A 97 8.95 38.91 19.85
CA THR A 97 10.16 39.02 19.04
C THR A 97 11.13 37.83 19.18
N ASP A 98 11.32 37.12 18.08
CA ASP A 98 12.22 35.96 18.03
C ASP A 98 13.45 36.33 17.18
N THR A 99 14.49 35.49 17.20
CA THR A 99 15.68 35.76 16.37
C THR A 99 16.02 34.55 15.48
N GLY A 100 14.97 33.84 15.09
CA GLY A 100 15.04 32.66 14.23
C GLY A 100 15.28 32.95 12.76
N VAL A 101 14.99 31.97 11.91
CA VAL A 101 15.22 32.05 10.45
C VAL A 101 14.58 33.27 9.78
N GLY A 102 13.37 33.62 10.17
CA GLY A 102 12.69 34.75 9.57
C GLY A 102 11.97 34.35 8.29
N MET A 103 11.41 35.33 7.60
CA MET A 103 10.65 35.08 6.38
C MET A 103 10.92 36.09 5.27
N THR A 104 11.17 35.56 4.07
CA THR A 104 11.40 36.39 2.90
C THR A 104 10.06 36.86 2.37
N ARG A 105 10.11 37.76 1.39
CA ARG A 105 8.94 38.33 0.73
C ARG A 105 8.01 37.21 0.24
N GLU A 106 8.56 36.27 -0.53
CA GLU A 106 7.81 35.15 -1.08
C GLU A 106 7.31 34.17 0.00
N GLU A 107 8.04 34.10 1.10
CA GLU A 107 7.66 33.22 2.21
C GLU A 107 6.50 33.79 3.04
N LEU A 108 6.37 35.11 3.05
CA LEU A 108 5.29 35.77 3.79
C LEU A 108 3.95 35.58 3.09
N VAL A 109 3.98 35.44 1.76
CA VAL A 109 2.77 35.27 0.96
C VAL A 109 2.40 33.81 0.70
N LYS A 110 3.02 32.90 1.44
CA LYS A 110 2.74 31.48 1.32
C LYS A 110 2.46 30.88 2.69
N ASN A 111 3.41 31.05 3.62
CA ASN A 111 3.31 30.54 4.98
C ASN A 111 2.22 31.21 5.80
N LEU A 112 2.05 32.51 5.62
CA LEU A 112 1.04 33.25 6.35
C LEU A 112 -0.24 33.41 5.53
N GLY A 113 -1.23 32.59 5.86
CA GLY A 113 -2.51 32.58 5.17
C GLY A 113 -2.91 31.16 4.84
N THR A 114 -2.35 30.64 3.75
CA THR A 114 -2.64 29.27 3.32
C THR A 114 -1.37 28.43 3.30
N VAL A 146 -5.68 25.46 16.00
CA VAL A 146 -4.23 25.56 16.15
C VAL A 146 -3.62 26.21 14.92
N GLY A 147 -2.36 26.64 15.05
CA GLY A 147 -1.65 27.26 13.95
C GLY A 147 -1.31 28.72 14.17
N PHE A 148 -1.15 29.45 13.07
CA PHE A 148 -0.82 30.88 13.14
C PHE A 148 -2.12 31.68 13.32
N TYR A 149 -3.20 31.20 12.72
CA TYR A 149 -4.54 31.81 12.81
C TYR A 149 -5.05 31.89 14.25
N SER A 150 -4.32 31.26 15.18
CA SER A 150 -4.61 31.23 16.60
C SER A 150 -4.54 32.62 17.23
N ALA A 151 -3.73 33.49 16.62
CA ALA A 151 -3.54 34.86 17.08
C ALA A 151 -4.85 35.66 17.00
N PHE A 152 -5.74 35.26 16.11
CA PHE A 152 -7.01 35.95 15.93
C PHE A 152 -8.06 35.65 17.01
N LEU A 153 -7.70 34.80 17.96
CA LEU A 153 -8.59 34.47 19.08
C LEU A 153 -8.55 35.59 20.11
N VAL A 154 -7.45 36.33 20.14
CA VAL A 154 -7.26 37.42 21.09
C VAL A 154 -7.00 38.77 20.41
N ALA A 155 -6.79 38.76 19.10
CA ALA A 155 -6.46 39.97 18.36
C ALA A 155 -7.24 40.12 17.06
N ASP A 156 -7.77 41.32 16.82
CA ASP A 156 -8.53 41.60 15.59
C ASP A 156 -7.61 41.82 14.40
N LYS A 157 -6.52 42.53 14.64
CA LYS A 157 -5.54 42.83 13.61
C LYS A 157 -4.21 42.25 14.03
N VAL A 158 -3.54 41.58 13.10
CA VAL A 158 -2.24 40.98 13.38
C VAL A 158 -1.22 41.47 12.39
N ILE A 159 -0.11 41.98 12.91
CA ILE A 159 0.99 42.44 12.08
C ILE A 159 2.26 41.70 12.47
N VAL A 160 3.03 41.30 11.46
CA VAL A 160 4.31 40.66 11.73
C VAL A 160 5.45 41.43 11.04
N THR A 161 6.46 41.77 11.82
CA THR A 161 7.67 42.41 11.32
C THR A 161 8.65 41.25 11.21
N SER A 162 9.39 41.17 10.09
CA SER A 162 10.31 40.04 9.91
C SER A 162 11.55 40.39 9.04
N LYS A 163 12.64 39.66 9.28
CA LYS A 163 13.90 39.84 8.56
C LYS A 163 14.65 38.51 8.39
N HIS A 164 14.83 38.13 7.11
CA HIS A 164 15.51 36.88 6.74
C HIS A 164 16.90 37.25 6.22
N ASN A 165 17.84 36.29 6.21
CA ASN A 165 19.20 36.58 5.72
C ASN A 165 19.30 36.89 4.21
N ASN A 166 18.39 36.34 3.42
CA ASN A 166 18.39 36.56 1.96
C ASN A 166 17.57 37.77 1.49
N ASP A 167 16.72 38.30 2.38
CA ASP A 167 15.80 39.39 2.01
C ASP A 167 15.95 40.63 2.91
N THR A 168 15.19 41.68 2.62
CA THR A 168 15.16 42.88 3.44
C THR A 168 13.96 42.80 4.38
N GLN A 169 13.89 43.70 5.36
CA GLN A 169 12.80 43.67 6.35
C GLN A 169 11.46 44.13 5.81
N HIS A 170 10.44 43.29 6.01
CA HIS A 170 9.07 43.56 5.55
C HIS A 170 8.02 43.48 6.66
N ILE A 171 6.90 44.18 6.44
CA ILE A 171 5.77 44.17 7.37
C ILE A 171 4.55 43.55 6.70
N TRP A 172 4.01 42.51 7.33
CA TRP A 172 2.83 41.81 6.83
C TRP A 172 1.63 42.18 7.70
N GLU A 173 0.55 42.64 7.08
CA GLU A 173 -0.66 43.00 7.82
C GLU A 173 -1.92 42.31 7.30
N SER A 174 -2.76 41.88 8.23
CA SER A 174 -4.00 41.19 7.90
C SER A 174 -4.97 41.15 9.08
N ASP A 175 -6.24 40.96 8.77
CA ASP A 175 -7.29 40.82 9.76
C ASP A 175 -7.88 39.41 9.68
N SER A 176 -7.88 38.86 8.46
CA SER A 176 -8.37 37.52 8.13
C SER A 176 -8.51 37.38 6.62
N ASN A 177 -9.02 38.43 5.98
CA ASN A 177 -9.26 38.45 4.53
C ASN A 177 -8.01 38.66 3.66
N GLU A 178 -7.96 39.82 2.98
CA GLU A 178 -6.85 40.17 2.09
C GLU A 178 -5.56 40.48 2.84
N PHE A 179 -4.44 40.27 2.16
CA PHE A 179 -3.11 40.50 2.72
C PHE A 179 -2.28 41.48 1.89
N SER A 180 -1.31 42.12 2.54
CA SER A 180 -0.42 43.07 1.89
C SER A 180 0.93 43.08 2.57
N VAL A 181 1.99 42.99 1.78
CA VAL A 181 3.37 42.98 2.29
C VAL A 181 4.13 44.20 1.81
N ILE A 182 4.48 45.07 2.75
CA ILE A 182 5.22 46.29 2.45
C ILE A 182 6.63 46.27 3.04
N ALA A 183 7.56 46.94 2.36
CA ALA A 183 8.94 47.05 2.85
C ALA A 183 8.92 47.99 4.05
N ASP A 184 9.40 47.48 5.18
CA ASP A 184 9.43 48.22 6.45
C ASP A 184 10.12 49.59 6.30
N PRO A 185 9.39 50.69 6.65
CA PRO A 185 9.93 52.05 6.55
C PRO A 185 11.14 52.29 7.46
N ARG A 186 11.14 51.66 8.64
CA ARG A 186 12.23 51.80 9.59
C ARG A 186 13.54 51.21 9.04
N GLY A 187 13.33 49.93 8.41
CA GLY A 187 14.50 49.24 7.84
C GLY A 187 14.85 47.95 8.59
N ASN A 188 16.11 47.55 8.49
CA ASN A 188 16.59 46.33 9.16
CA ASN A 188 16.60 46.34 9.16
C ASN A 188 16.81 46.58 10.66
N THR A 189 15.69 46.28 11.44
CA THR A 189 15.72 46.47 12.89
C THR A 189 16.29 45.30 13.71
N LEU A 190 15.76 44.09 13.49
CA LEU A 190 16.17 42.92 14.27
C LEU A 190 17.43 42.18 13.82
N GLY A 191 18.00 42.59 12.69
CA GLY A 191 19.15 41.86 12.12
C GLY A 191 18.64 40.56 11.52
N ARG A 192 17.94 39.78 12.33
CA ARG A 192 17.32 38.53 11.89
C ARG A 192 16.18 38.18 12.84
N GLY A 193 15.19 37.44 12.34
CA GLY A 193 14.05 37.00 13.17
C GLY A 193 12.74 37.67 12.82
N THR A 194 11.79 37.56 13.75
CA THR A 194 10.43 38.06 13.50
C THR A 194 9.80 38.64 14.77
N THR A 195 8.93 39.69 14.55
CA THR A 195 8.16 40.19 15.68
C THR A 195 6.68 40.04 15.34
N ILE A 196 5.96 39.24 16.13
CA ILE A 196 4.52 39.09 15.94
C ILE A 196 3.85 40.11 16.86
N THR A 197 3.24 41.12 16.25
CA THR A 197 2.57 42.17 17.00
C THR A 197 1.04 42.00 16.92
N LEU A 198 0.43 41.84 18.09
CA LEU A 198 -1.02 41.62 18.16
C LEU A 198 -1.78 42.86 18.60
N VAL A 199 -2.74 43.31 17.79
CA VAL A 199 -3.61 44.41 18.18
C VAL A 199 -4.69 43.71 19.00
N LEU A 200 -4.41 43.57 20.29
CA LEU A 200 -5.23 42.83 21.24
C LEU A 200 -6.66 43.37 21.32
N LYS A 201 -7.64 42.49 21.04
CA LYS A 201 -9.06 42.89 21.05
C LYS A 201 -9.52 43.25 22.45
N GLU A 202 -10.46 44.19 22.51
CA GLU A 202 -11.01 44.71 23.78
C GLU A 202 -11.43 43.64 24.77
N GLU A 203 -12.27 42.70 24.31
CA GLU A 203 -12.80 41.62 25.13
C GLU A 203 -11.76 40.58 25.60
N ALA A 204 -10.48 40.85 25.29
CA ALA A 204 -9.38 40.00 25.69
C ALA A 204 -8.12 40.86 25.90
N SER A 205 -8.35 42.14 26.16
CA SER A 205 -7.27 43.09 26.39
C SER A 205 -6.87 43.11 27.86
N ASP A 206 -6.19 42.05 28.29
CA ASP A 206 -5.71 41.92 29.65
C ASP A 206 -4.38 41.13 29.67
N TYR A 207 -3.96 40.67 28.49
CA TYR A 207 -2.69 39.99 28.35
C TYR A 207 -1.56 41.03 28.33
N LEU A 208 -1.92 42.31 28.15
CA LEU A 208 -0.93 43.39 28.21
C LEU A 208 -0.66 43.76 29.66
N GLU A 209 -0.53 42.73 30.50
CA GLU A 209 -0.27 42.93 31.91
C GLU A 209 1.12 42.40 32.23
N LEU A 210 1.81 43.11 33.12
CA LEU A 210 3.17 42.80 33.55
C LEU A 210 3.33 41.52 34.40
N ASP A 211 2.27 40.72 34.47
CA ASP A 211 2.29 39.49 35.26
C ASP A 211 1.42 38.38 34.66
N THR A 212 0.58 38.73 33.70
CA THR A 212 -0.28 37.75 33.05
C THR A 212 0.53 36.96 32.03
N ILE A 213 1.38 37.65 31.27
CA ILE A 213 2.27 36.99 30.31
C ILE A 213 3.26 36.16 31.13
N LYS A 214 3.79 36.80 32.18
CA LYS A 214 4.74 36.21 33.14
C LYS A 214 4.28 34.82 33.60
N ASN A 215 2.98 34.69 33.88
CA ASN A 215 2.43 33.43 34.33
C ASN A 215 2.15 32.45 33.20
N LEU A 216 1.74 32.96 32.03
CA LEU A 216 1.44 32.10 30.88
C LEU A 216 2.70 31.47 30.27
N VAL A 217 3.74 32.28 30.13
CA VAL A 217 5.01 31.80 29.60
C VAL A 217 5.54 30.66 30.47
N LYS A 218 5.50 30.87 31.78
CA LYS A 218 5.98 29.90 32.78
C LYS A 218 5.22 28.56 32.78
N LYS A 219 3.94 28.57 32.43
CA LYS A 219 3.15 27.33 32.41
C LYS A 219 3.06 26.70 31.03
N TYR A 220 3.18 27.53 29.99
CA TYR A 220 3.07 27.02 28.61
C TYR A 220 4.37 26.66 27.90
N SER A 221 5.32 27.59 27.91
CA SER A 221 6.59 27.40 27.23
C SER A 221 7.56 26.46 27.95
N GLN A 222 7.02 25.58 28.79
CA GLN A 222 7.82 24.55 29.40
C GLN A 222 8.27 23.69 28.23
N PHE A 223 9.51 23.21 28.27
CA PHE A 223 10.08 22.37 27.21
C PHE A 223 10.59 23.13 25.98
N ILE A 224 10.47 24.45 25.98
CA ILE A 224 11.04 25.26 24.90
C ILE A 224 12.53 25.42 25.24
N ASN A 225 13.39 24.93 24.35
CA ASN A 225 14.83 24.95 24.63
C ASN A 225 15.60 26.20 24.18
N PHE A 226 14.94 27.35 24.28
CA PHE A 226 15.54 28.63 23.95
C PHE A 226 15.11 29.62 24.99
N PRO A 227 16.01 30.56 25.34
CA PRO A 227 15.70 31.53 26.38
C PRO A 227 14.55 32.49 26.03
N ILE A 228 13.54 32.49 26.90
CA ILE A 228 12.40 33.38 26.75
C ILE A 228 12.47 34.47 27.79
N TYR A 229 12.42 35.72 27.34
CA TYR A 229 12.49 36.85 28.24
C TYR A 229 11.33 37.80 28.00
N VAL A 230 10.80 38.31 29.16
CA VAL A 230 9.75 39.32 29.04
C VAL A 230 10.29 40.67 29.53
N TRP A 231 9.82 41.74 28.91
CA TRP A 231 10.18 43.10 29.26
C TRP A 231 9.47 43.42 30.59
N SER A 232 10.12 43.02 31.69
CA SER A 232 9.59 43.19 33.04
C SER A 232 9.88 44.57 33.62
N SER A 233 9.53 44.73 34.89
CA SER A 233 9.72 45.99 35.62
C SER A 233 10.32 45.73 37.00
N LYS A 234 11.23 46.60 37.44
CA LYS A 234 11.88 46.51 38.76
C LYS A 234 12.66 47.78 39.08
N VAL A 242 13.46 51.43 36.17
CA VAL A 242 14.30 50.33 35.71
C VAL A 242 13.48 49.27 34.99
N TRP A 243 13.77 49.08 33.70
CA TRP A 243 13.10 48.08 32.88
C TRP A 243 14.18 47.22 32.22
N ASP A 244 14.19 45.92 32.52
CA ASP A 244 15.18 45.01 31.95
C ASP A 244 14.61 43.59 31.79
N TRP A 245 15.10 42.88 30.78
CA TRP A 245 14.67 41.53 30.47
C TRP A 245 14.87 40.55 31.64
N GLU A 246 13.81 39.81 31.96
CA GLU A 246 13.86 38.83 33.04
C GLU A 246 13.67 37.46 32.44
N LEU A 247 14.59 36.55 32.76
CA LEU A 247 14.54 35.17 32.28
C LEU A 247 13.28 34.51 32.82
N MET A 248 12.62 33.73 31.95
CA MET A 248 11.39 33.06 32.33
C MET A 248 11.54 31.57 32.53
N ASN A 249 12.26 30.92 31.63
CA ASN A 249 12.40 29.46 31.65
C ASN A 249 13.79 28.92 31.96
N ASP A 250 13.85 27.59 32.02
CA ASP A 250 15.09 26.83 32.22
C ASP A 250 15.30 26.10 30.90
N ILE A 251 16.44 26.36 30.29
CA ILE A 251 16.80 25.86 28.97
C ILE A 251 17.17 24.37 28.97
N LYS A 252 17.54 23.86 30.15
CA LYS A 252 17.94 22.46 30.34
C LYS A 252 16.78 21.53 29.97
N PRO A 253 17.01 20.69 28.94
CA PRO A 253 16.00 19.75 28.42
C PRO A 253 15.61 18.69 29.44
N ILE A 254 14.34 18.28 29.41
CA ILE A 254 13.82 17.25 30.29
C ILE A 254 14.63 15.95 30.20
N TRP A 255 15.09 15.60 29.00
CA TRP A 255 15.86 14.36 28.81
C TRP A 255 17.30 14.43 29.34
N GLN A 256 17.76 15.63 29.65
CA GLN A 256 19.11 15.82 30.20
C GLN A 256 19.17 15.73 31.74
N ARG A 257 18.02 15.92 32.37
CA ARG A 257 17.90 15.83 33.82
C ARG A 257 17.94 14.35 34.27
N PRO A 258 18.51 14.07 35.46
CA PRO A 258 18.56 12.69 35.99
C PRO A 258 17.17 12.08 36.21
N SER A 259 17.01 10.82 35.81
CA SER A 259 15.75 10.09 35.89
C SER A 259 14.97 10.29 37.18
N LYS A 260 15.62 9.98 38.30
CA LYS A 260 14.99 10.06 39.62
C LYS A 260 14.29 11.39 39.90
N GLU A 261 14.94 12.49 39.51
CA GLU A 261 14.42 13.85 39.75
C GLU A 261 13.19 14.28 38.94
N VAL A 262 13.05 13.77 37.72
CA VAL A 262 11.94 14.15 36.84
C VAL A 262 10.59 13.59 37.32
N GLU A 263 9.63 14.49 37.47
CA GLU A 263 8.28 14.16 37.93
C GLU A 263 7.47 13.38 36.89
N ASP A 264 6.53 12.58 37.38
CA ASP A 264 5.64 11.79 36.53
C ASP A 264 4.78 12.68 35.65
N ASP A 265 4.26 13.76 36.23
CA ASP A 265 3.46 14.75 35.52
C ASP A 265 4.28 15.38 34.41
N GLU A 266 5.55 15.67 34.70
CA GLU A 266 6.47 16.28 33.74
C GLU A 266 6.70 15.42 32.51
N TYR A 267 6.82 14.12 32.69
CA TYR A 267 6.99 13.22 31.56
C TYR A 267 5.73 13.22 30.68
N LYS A 268 4.57 13.14 31.31
CA LYS A 268 3.28 13.13 30.63
C LYS A 268 3.03 14.43 29.87
N ALA A 269 3.33 15.56 30.51
CA ALA A 269 3.15 16.88 29.91
C ALA A 269 4.12 17.07 28.74
N PHE A 270 5.28 16.44 28.82
CA PHE A 270 6.26 16.51 27.75
C PHE A 270 5.72 15.77 26.54
N TYR A 271 5.10 14.62 26.79
CA TYR A 271 4.52 13.82 25.71
C TYR A 271 3.48 14.59 24.93
N LYS A 272 2.63 15.33 25.65
CA LYS A 272 1.57 16.13 25.05
C LYS A 272 2.08 17.34 24.26
N SER A 273 3.22 17.90 24.67
CA SER A 273 3.77 19.08 24.03
C SER A 273 4.19 18.91 22.56
N PHE A 274 4.77 17.78 22.21
CA PHE A 274 5.23 17.60 20.83
C PHE A 274 4.39 16.70 19.95
N SER A 275 3.33 16.10 20.51
CA SER A 275 2.48 15.20 19.75
C SER A 275 0.98 15.45 19.91
N LYS A 276 0.60 16.46 20.69
CA LYS A 276 -0.81 16.78 20.99
C LYS A 276 -1.57 15.56 21.57
N GLU A 277 -2.78 15.33 21.07
CA GLU A 277 -3.64 14.19 21.48
C GLU A 277 -4.18 14.29 22.91
N SER A 278 -3.83 15.39 23.60
CA SER A 278 -4.19 15.73 24.99
C SER A 278 -4.62 14.60 25.95
N ASP A 279 -3.81 13.54 26.01
CA ASP A 279 -3.99 12.43 26.95
C ASP A 279 -2.67 11.71 27.23
N ASP A 280 -2.56 11.11 28.42
CA ASP A 280 -1.36 10.43 28.89
C ASP A 280 -0.84 9.39 27.90
N PRO A 281 0.49 9.14 27.88
CA PRO A 281 0.93 8.09 27.01
C PRO A 281 0.70 6.73 27.70
N MET A 282 0.68 5.65 26.93
CA MET A 282 0.48 4.33 27.51
C MET A 282 1.68 3.99 28.39
N ALA A 283 2.88 4.31 27.90
CA ALA A 283 4.09 4.04 28.65
C ALA A 283 5.25 4.92 28.22
N TYR A 284 6.20 5.09 29.12
CA TYR A 284 7.39 5.86 28.79
C TYR A 284 8.62 5.28 29.44
N ILE A 285 9.76 5.55 28.82
CA ILE A 285 11.05 5.10 29.33
C ILE A 285 12.04 6.26 29.20
N HIS A 286 12.75 6.55 30.28
CA HIS A 286 13.77 7.59 30.25
C HIS A 286 15.09 6.96 30.65
N PHE A 287 15.98 6.84 29.67
CA PHE A 287 17.28 6.21 29.91
C PHE A 287 18.46 7.01 29.40
N THR A 288 19.63 6.53 29.77
CA THR A 288 20.90 7.09 29.34
C THR A 288 21.71 5.90 28.83
N ALA A 289 22.33 6.06 27.67
CA ALA A 289 23.12 4.99 27.07
C ALA A 289 24.61 5.18 27.33
N GLU A 290 25.25 4.08 27.75
CA GLU A 290 26.67 4.03 28.04
C GLU A 290 27.33 3.04 27.08
N GLY A 291 28.63 3.17 26.86
CA GLY A 291 29.34 2.23 26.00
C GLY A 291 29.83 2.73 24.65
N GLU A 292 29.44 2.00 23.60
CA GLU A 292 29.87 2.29 22.22
C GLU A 292 29.47 3.70 21.77
N VAL A 293 28.26 4.09 22.12
CA VAL A 293 27.76 5.43 21.82
C VAL A 293 27.05 5.92 23.07
N THR A 294 27.09 7.22 23.31
CA THR A 294 26.41 7.80 24.45
C THR A 294 25.32 8.73 23.96
N PHE A 295 24.17 8.63 24.61
CA PHE A 295 23.03 9.49 24.32
C PHE A 295 21.97 9.32 25.39
N LYS A 296 21.20 10.37 25.61
CA LYS A 296 20.09 10.31 26.54
C LYS A 296 18.82 10.25 25.71
N SER A 297 17.80 9.56 26.21
CA SER A 297 16.57 9.42 25.45
C SER A 297 15.32 9.21 26.28
N ILE A 298 14.19 9.70 25.76
CA ILE A 298 12.88 9.44 26.33
C ILE A 298 12.01 8.89 25.19
N LEU A 299 11.50 7.67 25.36
CA LEU A 299 10.65 7.03 24.35
C LEU A 299 9.28 6.76 24.94
N PHE A 300 8.26 6.84 24.08
CA PHE A 300 6.86 6.67 24.49
C PHE A 300 6.10 5.68 23.66
N VAL A 301 5.13 5.05 24.31
CA VAL A 301 4.18 4.18 23.64
C VAL A 301 2.90 5.01 23.71
N PRO A 302 2.33 5.39 22.56
CA PRO A 302 1.06 6.13 22.55
C PRO A 302 -0.09 5.29 23.08
N THR A 303 -1.23 5.93 23.30
CA THR A 303 -2.38 5.23 23.85
C THR A 303 -3.11 4.45 22.77
N SER A 304 -3.11 4.99 21.56
CA SER A 304 -3.81 4.35 20.46
C SER A 304 -2.89 4.23 19.29
N ALA A 305 -3.15 3.24 18.44
CA ALA A 305 -2.40 3.11 17.20
C ALA A 305 -2.87 4.25 16.33
N PRO A 306 -1.95 5.12 15.89
CA PRO A 306 -2.40 6.21 15.05
C PRO A 306 -2.85 5.64 13.70
N ARG A 307 -3.95 6.19 13.18
CA ARG A 307 -4.53 5.74 11.90
C ARG A 307 -5.60 6.71 11.45
N TYR A 320 8.67 11.02 13.56
CA TYR A 320 8.21 10.43 14.82
C TYR A 320 9.26 10.52 15.94
N ILE A 321 10.54 10.44 15.58
CA ILE A 321 11.62 10.52 16.57
C ILE A 321 12.56 11.68 16.28
N LYS A 322 12.58 12.66 17.19
CA LYS A 322 13.42 13.83 17.03
C LYS A 322 14.84 13.55 17.48
N LEU A 323 15.78 13.81 16.57
CA LEU A 323 17.18 13.60 16.85
C LEU A 323 17.90 14.91 17.16
N TYR A 324 18.63 14.92 18.26
CA TYR A 324 19.44 16.04 18.69
C TYR A 324 20.91 15.63 18.73
N VAL A 325 21.79 16.54 18.32
CA VAL A 325 23.23 16.32 18.42
C VAL A 325 23.77 17.42 19.32
N ARG A 326 24.22 17.04 20.52
CA ARG A 326 24.76 17.97 21.51
C ARG A 326 23.75 19.06 21.88
N ARG A 327 22.54 18.62 22.21
CA ARG A 327 21.44 19.50 22.61
C ARG A 327 20.93 20.41 21.49
N VAL A 328 21.37 20.15 20.26
CA VAL A 328 20.95 20.92 19.09
C VAL A 328 20.03 20.09 18.19
N PHE A 329 18.82 20.57 17.94
CA PHE A 329 17.88 19.85 17.08
C PHE A 329 18.42 19.70 15.67
N ILE A 330 18.27 18.52 15.11
CA ILE A 330 18.73 18.26 13.74
C ILE A 330 17.58 17.95 12.79
N THR A 331 16.78 16.95 13.14
CA THR A 331 15.70 16.52 12.27
C THR A 331 14.67 15.60 12.91
N ASP A 332 13.55 15.41 12.23
CA ASP A 332 12.53 14.44 12.62
C ASP A 332 12.15 13.62 11.37
N ASP A 333 12.93 13.84 10.30
CA ASP A 333 12.73 13.23 8.98
C ASP A 333 13.47 11.90 8.75
N PHE A 334 14.12 11.37 9.77
CA PHE A 334 14.85 10.11 9.63
C PHE A 334 13.87 8.99 9.91
N HIS A 335 13.41 8.33 8.84
CA HIS A 335 12.43 7.24 8.97
CA HIS A 335 12.43 7.24 8.89
C HIS A 335 13.07 5.85 9.00
N ASP A 336 14.24 5.79 9.62
CA ASP A 336 15.00 4.55 9.75
C ASP A 336 15.62 4.45 11.15
N MET A 337 15.08 5.25 12.08
CA MET A 337 15.55 5.29 13.46
C MET A 337 15.08 4.03 14.14
N MET A 338 13.88 3.61 13.77
CA MET A 338 13.23 2.45 14.31
C MET A 338 12.87 1.52 13.16
N PRO A 339 12.84 0.19 13.43
CA PRO A 339 12.42 -0.75 12.38
C PRO A 339 10.93 -0.54 12.13
N LYS A 340 10.43 -0.93 10.96
CA LYS A 340 9.02 -0.68 10.66
C LYS A 340 8.01 -1.16 11.73
N TYR A 341 8.27 -2.31 12.37
CA TYR A 341 7.31 -2.81 13.36
C TYR A 341 7.18 -1.92 14.63
N LEU A 342 8.17 -1.07 14.87
CA LEU A 342 8.06 -0.16 16.01
C LEU A 342 7.80 1.28 15.61
N ASN A 343 7.24 1.48 14.41
CA ASN A 343 6.96 2.82 13.90
C ASN A 343 6.06 3.71 14.75
N PHE A 344 5.33 3.12 15.69
CA PHE A 344 4.42 3.86 16.56
C PHE A 344 5.15 4.54 17.70
N VAL A 345 6.39 4.15 17.95
CA VAL A 345 7.16 4.72 19.05
C VAL A 345 7.56 6.17 18.71
N LYS A 346 7.38 7.07 19.67
CA LYS A 346 7.72 8.48 19.51
C LYS A 346 8.71 8.91 20.60
N GLY A 347 9.59 9.85 20.27
CA GLY A 347 10.54 10.30 21.27
C GLY A 347 11.71 11.14 20.85
N VAL A 348 12.59 11.38 21.82
CA VAL A 348 13.80 12.16 21.62
C VAL A 348 15.07 11.38 21.86
N VAL A 349 16.06 11.62 20.99
CA VAL A 349 17.38 11.03 21.14
C VAL A 349 18.35 12.20 21.05
N ASP A 350 19.15 12.37 22.09
CA ASP A 350 20.14 13.44 22.14
C ASP A 350 21.54 12.86 22.29
N SER A 351 22.30 12.88 21.20
CA SER A 351 23.63 12.30 21.16
C SER A 351 24.77 13.33 21.20
N ASP A 352 25.75 13.06 22.06
CA ASP A 352 26.91 13.93 22.16
C ASP A 352 28.07 13.35 21.35
N ASP A 353 27.90 12.13 20.84
CA ASP A 353 28.92 11.47 20.02
C ASP A 353 28.81 11.75 18.52
N LEU A 354 27.61 11.99 18.03
CA LEU A 354 27.37 12.26 16.61
C LEU A 354 28.05 13.55 16.08
N PRO A 355 28.40 13.57 14.78
CA PRO A 355 28.94 14.79 14.17
C PRO A 355 27.86 15.87 14.11
N LEU A 356 28.20 17.07 14.54
CA LEU A 356 27.26 18.19 14.55
C LEU A 356 27.36 19.02 13.29
N ASN A 357 28.57 19.50 13.01
CA ASN A 357 28.83 20.35 11.86
C ASN A 357 28.95 19.61 10.52
N VAL A 358 27.90 18.85 10.20
CA VAL A 358 27.81 18.09 8.95
C VAL A 358 26.39 18.12 8.41
N SER A 359 26.23 17.61 7.18
CA SER A 359 24.93 17.61 6.49
C SER A 359 23.94 16.55 6.99
N ARG A 360 22.70 16.64 6.50
CA ARG A 360 21.67 15.67 6.82
C ARG A 360 21.97 14.33 6.14
N GLU A 361 22.32 14.39 4.85
CA GLU A 361 22.66 13.19 4.07
C GLU A 361 23.74 12.36 4.78
N THR A 362 24.85 13.02 5.09
CA THR A 362 26.01 12.45 5.78
C THR A 362 25.67 11.80 7.12
N LEU A 363 24.86 12.49 7.92
CA LEU A 363 24.49 12.02 9.26
C LEU A 363 23.59 10.80 9.27
N GLN A 364 22.70 10.70 8.29
CA GLN A 364 21.77 9.58 8.25
C GLN A 364 22.48 8.26 7.93
N GLN A 365 23.51 8.35 7.08
CA GLN A 365 24.27 7.18 6.69
CA GLN A 365 24.28 7.20 6.66
C GLN A 365 25.36 6.85 7.71
N HIS A 366 25.59 7.78 8.64
CA HIS A 366 26.60 7.61 9.68
C HIS A 366 26.48 6.31 10.48
N LYS A 367 27.61 5.61 10.61
CA LYS A 367 27.70 4.31 11.30
C LYS A 367 27.26 4.28 12.77
N LEU A 368 27.34 5.41 13.47
CA LEU A 368 26.93 5.45 14.87
C LEU A 368 25.41 5.33 15.02
N LEU A 369 24.66 5.77 14.01
CA LEU A 369 23.19 5.66 14.04
C LEU A 369 22.67 4.23 14.14
N LYS A 370 23.33 3.32 13.45
CA LYS A 370 22.95 1.90 13.46
C LYS A 370 23.17 1.33 14.87
N VAL A 371 24.16 1.86 15.58
CA VAL A 371 24.45 1.48 16.95
C VAL A 371 23.37 2.04 17.87
N ILE A 372 22.95 3.27 17.61
CA ILE A 372 21.91 3.92 18.41
C ILE A 372 20.59 3.21 18.18
N ARG A 373 20.32 2.85 16.92
CA ARG A 373 19.10 2.16 16.57
C ARG A 373 18.92 0.85 17.36
N LYS A 374 19.95 0.02 17.34
CA LYS A 374 19.92 -1.23 18.08
C LYS A 374 19.62 -1.00 19.56
N LYS A 375 20.08 0.10 20.12
CA LYS A 375 19.82 0.42 21.51
C LYS A 375 18.37 0.85 21.75
N LEU A 376 17.81 1.60 20.80
CA LEU A 376 16.43 2.08 20.88
C LEU A 376 15.43 0.95 20.88
N VAL A 377 15.68 -0.05 20.04
CA VAL A 377 14.85 -1.25 19.97
C VAL A 377 14.89 -2.02 21.29
N ARG A 378 16.08 -2.22 21.85
CA ARG A 378 16.19 -2.97 23.09
C ARG A 378 15.51 -2.25 24.25
N LYS A 379 15.58 -0.93 24.23
CA LYS A 379 14.94 -0.13 25.27
C LYS A 379 13.42 -0.03 25.10
N THR A 380 12.95 -0.06 23.86
CA THR A 380 11.52 -0.02 23.60
C THR A 380 10.93 -1.34 24.13
N LEU A 381 11.62 -2.44 23.83
CA LEU A 381 11.23 -3.76 24.30
C LEU A 381 11.26 -3.89 25.83
N ASP A 382 12.20 -3.19 26.48
CA ASP A 382 12.28 -3.16 27.93
C ASP A 382 11.02 -2.49 28.49
N MET A 383 10.67 -1.34 27.89
CA MET A 383 9.49 -0.57 28.26
C MET A 383 8.21 -1.37 28.06
N ILE A 384 8.06 -1.96 26.88
CA ILE A 384 6.89 -2.75 26.54
C ILE A 384 6.73 -3.91 27.53
N LYS A 385 7.86 -4.50 27.91
CA LYS A 385 7.88 -5.61 28.88
C LYS A 385 7.53 -5.15 30.30
N LYS A 386 7.83 -3.89 30.62
CA LYS A 386 7.57 -3.36 31.96
C LYS A 386 6.12 -2.99 32.26
N ILE A 387 5.26 -3.00 31.26
CA ILE A 387 3.85 -2.67 31.46
C ILE A 387 3.19 -3.77 32.29
N ALA A 388 2.35 -3.37 33.25
CA ALA A 388 1.61 -4.28 34.11
C ALA A 388 0.82 -5.33 33.32
N ASP A 389 0.85 -6.57 33.80
CA ASP A 389 0.21 -7.71 33.13
CA ASP A 389 0.23 -7.70 33.09
C ASP A 389 -1.22 -7.42 32.63
N GLU A 390 -2.05 -6.90 33.52
CA GLU A 390 -3.44 -6.62 33.13
C GLU A 390 -3.53 -5.58 32.02
N LYS A 391 -2.84 -4.45 32.21
CA LYS A 391 -2.83 -3.37 31.25
C LYS A 391 -2.23 -3.78 29.94
N TYR A 392 -1.27 -4.72 29.98
CA TYR A 392 -0.60 -5.19 28.78
C TYR A 392 -1.54 -5.91 27.83
N ASN A 393 -2.32 -6.84 28.36
CA ASN A 393 -3.27 -7.59 27.56
C ASN A 393 -4.47 -6.73 27.18
N ASP A 394 -4.99 -5.95 28.11
CA ASP A 394 -6.19 -5.16 27.84
C ASP A 394 -5.99 -3.91 26.98
N THR A 395 -4.83 -3.25 27.09
CA THR A 395 -4.63 -2.02 26.33
C THR A 395 -3.53 -2.11 25.26
N PHE A 396 -2.33 -2.54 25.64
CA PHE A 396 -1.24 -2.64 24.68
C PHE A 396 -1.49 -3.66 23.58
N TRP A 397 -1.87 -4.86 23.99
CA TRP A 397 -2.03 -5.93 23.02
C TRP A 397 -3.10 -5.65 21.98
N LYS A 398 -4.17 -4.99 22.38
CA LYS A 398 -5.23 -4.67 21.46
C LYS A 398 -4.79 -3.64 20.42
N GLU A 399 -3.97 -2.69 20.82
CA GLU A 399 -3.48 -1.66 19.91
C GLU A 399 -2.31 -2.07 19.04
N PHE A 400 -1.34 -2.76 19.65
CA PHE A 400 -0.08 -3.04 18.96
C PHE A 400 0.38 -4.50 18.87
N GLY A 401 -0.53 -5.43 19.10
CA GLY A 401 -0.20 -6.84 19.02
C GLY A 401 0.24 -7.27 17.64
N THR A 402 -0.31 -6.64 16.61
CA THR A 402 0.10 -6.97 15.24
C THR A 402 1.58 -6.60 15.01
N ASN A 403 2.01 -5.46 15.57
CA ASN A 403 3.40 -5.04 15.45
C ASN A 403 4.32 -6.07 16.09
N ILE A 404 3.96 -6.57 17.28
CA ILE A 404 4.77 -7.59 17.94
C ILE A 404 4.82 -8.87 17.09
N LYS A 405 3.73 -9.16 16.40
CA LYS A 405 3.74 -10.32 15.50
C LYS A 405 4.66 -10.11 14.30
N LEU A 406 4.62 -8.92 13.68
CA LEU A 406 5.51 -8.65 12.54
C LEU A 406 6.96 -8.63 13.03
N GLY A 407 7.17 -8.20 14.27
CA GLY A 407 8.49 -8.17 14.89
C GLY A 407 9.15 -9.53 15.00
N VAL A 408 8.36 -10.53 15.39
CA VAL A 408 8.84 -11.91 15.53
C VAL A 408 9.37 -12.37 14.18
N ILE A 409 8.72 -11.94 13.09
CA ILE A 409 9.12 -12.29 11.73
C ILE A 409 10.36 -11.52 11.24
N GLU A 410 10.44 -10.24 11.60
CA GLU A 410 11.51 -9.40 11.09
C GLU A 410 12.75 -9.24 11.97
N ASP A 411 12.56 -9.21 13.28
CA ASP A 411 13.67 -8.96 14.20
C ASP A 411 14.31 -10.22 14.74
N HIS A 412 15.28 -10.75 14.01
CA HIS A 412 15.95 -11.99 14.41
C HIS A 412 16.71 -11.91 15.74
N SER A 413 17.46 -10.83 15.96
CA SER A 413 18.24 -10.74 17.21
C SER A 413 17.40 -10.53 18.47
N ASN A 414 16.18 -10.01 18.32
CA ASN A 414 15.27 -9.83 19.46
C ASN A 414 14.11 -10.86 19.53
N ARG A 415 14.11 -11.83 18.62
CA ARG A 415 13.04 -12.84 18.55
C ARG A 415 12.53 -13.43 19.88
N THR A 416 13.45 -13.89 20.71
CA THR A 416 13.14 -14.46 22.01
C THR A 416 12.39 -13.46 22.88
N ARG A 417 12.87 -12.22 22.93
CA ARG A 417 12.20 -11.20 23.74
CA ARG A 417 12.20 -11.18 23.73
C ARG A 417 10.79 -10.94 23.25
N LEU A 418 10.62 -10.91 21.92
CA LEU A 418 9.32 -10.67 21.31
C LEU A 418 8.34 -11.83 21.48
N ALA A 419 8.84 -13.06 21.28
CA ALA A 419 8.03 -14.26 21.45
C ALA A 419 7.44 -14.31 22.86
N LYS A 420 8.19 -13.85 23.85
CA LYS A 420 7.67 -13.77 25.22
C LYS A 420 6.54 -12.74 25.36
N LEU A 421 6.46 -11.78 24.44
CA LEU A 421 5.43 -10.73 24.49
C LEU A 421 4.13 -11.07 23.73
N LEU A 422 4.14 -12.18 22.97
CA LEU A 422 2.98 -12.59 22.19
C LEU A 422 1.80 -12.97 23.08
N ARG A 423 0.59 -12.76 22.58
CA ARG A 423 -0.59 -13.15 23.32
C ARG A 423 -1.51 -13.72 22.28
N PHE A 424 -2.17 -14.84 22.59
CA PHE A 424 -3.14 -15.42 21.66
C PHE A 424 -4.35 -15.92 22.38
N GLN A 425 -5.42 -16.12 21.63
CA GLN A 425 -6.60 -16.75 22.19
C GLN A 425 -6.31 -18.26 22.25
N SER A 426 -6.92 -18.97 23.21
CA SER A 426 -6.78 -20.43 23.32
C SER A 426 -8.04 -21.09 23.93
N SER A 427 -8.03 -22.44 24.00
CA SER A 427 -9.17 -23.17 24.58
CA SER A 427 -9.15 -23.19 24.58
C SER A 427 -9.29 -22.98 26.08
N HIS A 428 -8.22 -22.53 26.74
CA HIS A 428 -8.28 -22.38 28.19
C HIS A 428 -9.42 -21.50 28.64
N HIS A 429 -9.80 -20.52 27.82
CA HIS A 429 -10.83 -19.58 28.23
C HIS A 429 -11.58 -19.02 27.00
N PRO A 430 -12.90 -18.70 27.16
CA PRO A 430 -13.72 -18.13 26.08
C PRO A 430 -13.15 -16.88 25.40
N SER A 431 -12.64 -15.92 26.17
CA SER A 431 -12.13 -14.69 25.56
C SER A 431 -10.69 -14.27 25.95
N ASP A 432 -10.30 -14.55 27.19
CA ASP A 432 -8.97 -14.26 27.71
C ASP A 432 -7.83 -14.71 26.81
N ILE A 433 -6.81 -13.87 26.68
CA ILE A 433 -5.68 -14.20 25.83
C ILE A 433 -4.57 -14.76 26.69
N THR A 434 -3.64 -15.49 26.09
CA THR A 434 -2.62 -16.08 26.92
C THR A 434 -1.20 -15.89 26.35
N SER A 435 -0.21 -15.85 27.22
CA SER A 435 1.17 -15.76 26.72
C SER A 435 1.63 -17.17 26.38
N LEU A 436 2.82 -17.30 25.79
CA LEU A 436 3.35 -18.62 25.55
C LEU A 436 3.89 -19.28 26.84
N ASP A 437 4.43 -18.49 27.76
CA ASP A 437 4.87 -19.01 29.06
C ASP A 437 3.74 -19.64 29.86
N GLN A 438 2.56 -19.02 29.79
CA GLN A 438 1.39 -19.49 30.52
C GLN A 438 0.85 -20.79 29.93
N TYR A 439 0.96 -20.92 28.61
CA TYR A 439 0.54 -22.11 27.93
C TYR A 439 1.47 -23.27 28.35
N VAL A 440 2.78 -23.03 28.27
CA VAL A 440 3.80 -24.01 28.62
C VAL A 440 3.59 -24.59 30.01
N GLU A 441 3.34 -23.71 30.99
CA GLU A 441 3.10 -24.11 32.39
C GLU A 441 1.89 -25.05 32.54
N ARG A 442 0.90 -24.89 31.67
CA ARG A 442 -0.30 -25.71 31.64
C ARG A 442 -0.15 -27.02 30.85
N MET A 443 0.96 -27.16 30.10
CA MET A 443 1.21 -28.38 29.33
C MET A 443 1.32 -29.65 30.20
N LYS A 444 0.93 -30.79 29.62
CA LYS A 444 1.03 -32.07 30.31
C LYS A 444 2.49 -32.44 30.55
N GLU A 445 2.76 -33.28 31.54
CA GLU A 445 4.15 -33.67 31.86
C GLU A 445 4.92 -34.23 30.66
N LYS A 446 4.22 -34.94 29.77
CA LYS A 446 4.89 -35.50 28.59
C LYS A 446 4.51 -34.95 27.22
N GLN A 447 3.83 -33.80 27.20
CA GLN A 447 3.47 -33.11 25.96
C GLN A 447 4.65 -32.21 25.58
N ASP A 448 5.08 -32.27 24.33
CA ASP A 448 6.23 -31.48 23.88
CA ASP A 448 6.22 -31.45 23.89
C ASP A 448 5.93 -30.54 22.72
N LYS A 449 4.68 -30.56 22.24
CA LYS A 449 4.26 -29.72 21.11
C LYS A 449 3.26 -28.67 21.60
N ILE A 450 3.37 -27.45 21.08
CA ILE A 450 2.38 -26.39 21.37
C ILE A 450 1.39 -26.47 20.20
N TYR A 451 0.17 -26.93 20.48
CA TYR A 451 -0.83 -27.13 19.43
C TYR A 451 -1.63 -25.90 19.11
N PHE A 452 -1.84 -25.68 17.81
CA PHE A 452 -2.67 -24.57 17.36
C PHE A 452 -3.58 -24.94 16.21
N MET A 453 -4.67 -24.18 16.11
CA MET A 453 -5.66 -24.31 15.07
C MET A 453 -5.79 -22.93 14.44
N ALA A 454 -5.57 -22.82 13.14
CA ALA A 454 -5.66 -21.52 12.51
C ALA A 454 -6.96 -21.37 11.72
N GLY A 455 -7.51 -20.16 11.68
CA GLY A 455 -8.78 -19.94 10.95
C GLY A 455 -9.16 -18.47 10.87
N SER A 456 -10.20 -18.17 10.10
CA SER A 456 -10.66 -16.79 9.92
CA SER A 456 -10.71 -16.80 9.90
C SER A 456 -11.34 -16.20 11.14
N SER A 457 -11.78 -17.04 12.08
CA SER A 457 -12.45 -16.54 13.26
C SER A 457 -12.29 -17.52 14.38
N ARG A 458 -12.55 -17.08 15.60
CA ARG A 458 -12.44 -17.98 16.73
C ARG A 458 -13.48 -19.09 16.66
N LYS A 459 -14.72 -18.74 16.30
CA LYS A 459 -15.81 -19.71 16.17
C LYS A 459 -15.38 -20.83 15.22
N GLU A 460 -14.88 -20.46 14.04
CA GLU A 460 -14.40 -21.46 13.08
C GLU A 460 -13.31 -22.36 13.69
N ALA A 461 -12.31 -21.75 14.31
CA ALA A 461 -11.20 -22.51 14.91
C ALA A 461 -11.60 -23.44 16.06
N GLU A 462 -12.52 -23.03 16.91
CA GLU A 462 -12.85 -23.87 18.06
C GLU A 462 -13.87 -24.98 17.78
N SER A 463 -14.61 -24.85 16.69
CA SER A 463 -15.63 -25.83 16.34
CA SER A 463 -15.64 -25.82 16.34
C SER A 463 -15.13 -26.71 15.21
N SER A 464 -13.82 -26.65 14.99
CA SER A 464 -13.14 -27.43 13.97
C SER A 464 -13.08 -28.88 14.43
N PRO A 465 -13.07 -29.80 13.48
CA PRO A 465 -12.91 -31.21 13.82
C PRO A 465 -11.56 -31.53 14.46
N PHE A 466 -10.51 -30.78 14.12
CA PHE A 466 -9.13 -31.13 14.50
C PHE A 466 -8.77 -31.05 15.98
N VAL A 467 -9.53 -30.29 16.76
CA VAL A 467 -9.29 -30.13 18.17
C VAL A 467 -10.17 -31.05 19.04
N GLU A 468 -11.01 -31.85 18.39
CA GLU A 468 -11.97 -32.68 19.11
C GLU A 468 -11.38 -33.58 20.19
N ARG A 469 -10.46 -34.46 19.81
CA ARG A 469 -9.79 -35.33 20.78
C ARG A 469 -8.86 -34.60 21.74
N LEU A 470 -7.91 -33.83 21.21
CA LEU A 470 -7.01 -33.03 22.03
C LEU A 470 -7.77 -32.33 23.14
N LEU A 471 -8.85 -31.62 22.79
CA LEU A 471 -9.64 -30.91 23.80
C LEU A 471 -10.23 -31.83 24.83
N LYS A 472 -10.76 -32.98 24.37
CA LYS A 472 -11.35 -33.96 25.27
C LYS A 472 -10.31 -34.50 26.22
N LYS A 473 -9.16 -34.86 25.69
CA LYS A 473 -8.10 -35.40 26.54
CA LYS A 473 -8.06 -35.40 26.50
C LYS A 473 -7.35 -34.33 27.34
N GLY A 474 -7.82 -33.08 27.26
CA GLY A 474 -7.28 -31.96 28.06
C GLY A 474 -6.02 -31.25 27.60
N TYR A 475 -5.77 -31.28 26.31
CA TYR A 475 -4.67 -30.54 25.74
C TYR A 475 -5.26 -29.14 25.52
N GLU A 476 -4.40 -28.14 25.45
CA GLU A 476 -4.86 -26.79 25.19
C GLU A 476 -4.49 -26.47 23.74
N VAL A 477 -5.40 -25.84 23.00
CA VAL A 477 -5.10 -25.48 21.62
C VAL A 477 -5.13 -23.95 21.48
N ILE A 478 -4.01 -23.36 21.10
CA ILE A 478 -3.96 -21.93 20.83
C ILE A 478 -4.81 -21.68 19.59
N TYR A 479 -5.60 -20.62 19.60
CA TYR A 479 -6.43 -20.27 18.42
C TYR A 479 -5.87 -19.05 17.70
N LEU A 480 -5.50 -19.22 16.43
CA LEU A 480 -4.92 -18.15 15.62
C LEU A 480 -5.91 -17.60 14.60
N THR A 481 -6.35 -16.36 14.79
CA THR A 481 -7.40 -15.81 13.91
C THR A 481 -7.04 -14.67 12.96
N GLU A 482 -5.84 -14.10 13.10
CA GLU A 482 -5.44 -13.02 12.20
C GLU A 482 -4.52 -13.60 11.13
N PRO A 483 -4.57 -13.07 9.90
CA PRO A 483 -3.75 -13.63 8.82
C PRO A 483 -2.25 -13.72 9.11
N VAL A 484 -1.71 -12.74 9.83
CA VAL A 484 -0.29 -12.74 10.16
C VAL A 484 0.13 -13.87 11.12
N ASP A 485 -0.78 -14.31 11.98
CA ASP A 485 -0.50 -15.35 13.01
C ASP A 485 0.27 -16.57 12.52
N GLU A 486 -0.10 -17.09 11.36
CA GLU A 486 0.59 -18.28 10.87
C GLU A 486 2.01 -18.00 10.47
N TYR A 487 2.25 -16.89 9.78
CA TYR A 487 3.59 -16.48 9.40
C TYR A 487 4.39 -16.21 10.68
N CYS A 488 3.71 -15.72 11.72
CA CYS A 488 4.34 -15.45 13.01
C CYS A 488 4.83 -16.72 13.71
N ILE A 489 3.98 -17.75 13.75
CA ILE A 489 4.33 -19.03 14.35
C ILE A 489 5.33 -19.77 13.45
N GLN A 490 5.14 -19.63 12.13
CA GLN A 490 5.98 -20.27 11.13
C GLN A 490 7.40 -19.67 11.13
N ALA A 491 7.58 -18.52 11.80
CA ALA A 491 8.87 -17.85 11.89
C ALA A 491 9.55 -18.13 13.22
N LEU A 492 8.81 -18.77 14.13
CA LEU A 492 9.29 -19.10 15.47
C LEU A 492 9.42 -20.63 15.57
N PRO A 493 10.64 -21.18 15.35
CA PRO A 493 10.79 -22.65 15.31
C PRO A 493 10.60 -23.40 16.63
N GLU A 494 10.69 -22.71 17.76
CA GLU A 494 10.58 -23.35 19.07
C GLU A 494 10.40 -22.29 20.13
N PHE A 495 9.71 -22.65 21.21
CA PHE A 495 9.56 -21.74 22.31
C PHE A 495 9.80 -22.54 23.57
N ASP A 496 10.89 -22.21 24.26
CA ASP A 496 11.27 -22.89 25.50
C ASP A 496 11.36 -24.40 25.26
N GLY A 497 12.02 -24.78 24.17
CA GLY A 497 12.20 -26.19 23.83
C GLY A 497 11.03 -26.96 23.23
N LYS A 498 9.86 -26.33 23.12
CA LYS A 498 8.66 -26.97 22.58
C LYS A 498 8.41 -26.53 21.13
N ARG A 499 8.24 -27.49 20.21
CA ARG A 499 7.97 -27.16 18.82
C ARG A 499 6.49 -26.91 18.67
N PHE A 500 6.07 -26.21 17.62
CA PHE A 500 4.65 -25.91 17.40
C PHE A 500 4.02 -26.94 16.46
N GLN A 501 2.75 -27.27 16.68
CA GLN A 501 2.11 -28.21 15.77
C GLN A 501 0.70 -27.75 15.45
N ASN A 502 0.41 -27.69 14.15
CA ASN A 502 -0.89 -27.34 13.65
C ASN A 502 -1.71 -28.60 13.61
N VAL A 503 -2.83 -28.59 14.34
CA VAL A 503 -3.74 -29.72 14.42
C VAL A 503 -4.37 -30.08 13.05
N ALA A 504 -4.41 -29.12 12.13
CA ALA A 504 -4.95 -29.40 10.80
C ALA A 504 -3.96 -30.22 9.96
N LYS A 505 -2.76 -30.45 10.50
CA LYS A 505 -1.73 -31.23 9.79
C LYS A 505 -1.28 -32.53 10.48
N GLU A 506 -0.58 -33.36 9.69
CA GLU A 506 0.03 -34.60 10.16
C GLU A 506 1.00 -34.25 11.29
N GLY A 507 0.96 -35.01 12.38
CA GLY A 507 1.90 -34.77 13.48
C GLY A 507 1.37 -34.74 14.90
N VAL A 508 0.06 -34.89 15.06
CA VAL A 508 -0.53 -34.89 16.40
C VAL A 508 -0.34 -36.24 17.09
N LYS A 509 0.18 -36.20 18.33
CA LYS A 509 0.46 -37.38 19.13
C LYS A 509 -0.40 -37.46 20.39
N PHE A 510 -0.59 -38.69 20.87
CA PHE A 510 -1.34 -38.95 22.10
C PHE A 510 -0.61 -40.05 22.85
N ASP A 511 -0.32 -39.83 24.14
CA ASP A 511 0.30 -40.91 24.90
C ASP A 511 -0.74 -42.01 24.92
N GLU A 512 -0.28 -43.26 24.85
CA GLU A 512 -1.21 -44.35 24.71
C GLU A 512 -0.85 -45.51 25.63
N SER A 513 -1.84 -45.94 26.43
CA SER A 513 -1.67 -47.10 27.29
C SER A 513 -1.66 -48.31 26.37
N GLU A 514 -1.00 -49.38 26.80
CA GLU A 514 -0.91 -50.60 26.01
C GLU A 514 -2.29 -51.14 25.61
N LYS A 515 -3.29 -50.94 26.47
CA LYS A 515 -4.66 -51.36 26.22
C LYS A 515 -5.28 -50.63 25.03
N THR A 516 -5.09 -49.31 24.99
CA THR A 516 -5.64 -48.46 23.93
C THR A 516 -4.95 -48.70 22.60
N LYS A 517 -3.63 -48.81 22.66
CA LYS A 517 -2.78 -49.04 21.50
C LYS A 517 -3.23 -50.26 20.69
N GLU A 518 -3.48 -51.37 21.39
CA GLU A 518 -3.94 -52.63 20.77
C GLU A 518 -5.37 -52.50 20.25
N SER A 519 -6.20 -51.78 20.99
CA SER A 519 -7.59 -51.55 20.60
C SER A 519 -7.67 -50.86 19.24
N ARG A 520 -6.75 -49.92 19.03
CA ARG A 520 -6.66 -49.19 17.77
C ARG A 520 -6.20 -50.13 16.65
N GLU A 521 -5.23 -50.99 16.96
CA GLU A 521 -4.72 -51.95 15.98
C GLU A 521 -5.82 -52.86 15.45
N ALA A 522 -6.74 -53.27 16.32
CA ALA A 522 -7.87 -54.11 15.90
C ALA A 522 -8.90 -53.32 15.09
N ILE A 523 -8.98 -52.02 15.38
CA ILE A 523 -9.90 -51.12 14.67
C ILE A 523 -9.42 -50.87 13.23
N GLU A 524 -8.11 -50.72 13.08
CA GLU A 524 -7.52 -50.48 11.77
C GLU A 524 -7.63 -51.66 10.81
N LYS A 525 -7.53 -52.89 11.32
CA LYS A 525 -7.71 -54.06 10.48
C LYS A 525 -9.17 -54.27 10.13
N GLU A 526 -10.06 -53.99 11.09
CA GLU A 526 -11.49 -54.14 10.86
C GLU A 526 -11.97 -53.15 9.81
N PHE A 527 -11.45 -51.92 9.87
CA PHE A 527 -11.86 -50.86 8.94
C PHE A 527 -11.11 -50.78 7.62
N GLU A 528 -10.11 -51.64 7.44
CA GLU A 528 -9.33 -51.68 6.19
C GLU A 528 -10.21 -51.78 4.92
N PRO A 529 -11.24 -52.67 4.91
CA PRO A 529 -12.14 -52.70 3.75
C PRO A 529 -12.80 -51.38 3.40
N LEU A 530 -13.14 -50.55 4.39
CA LEU A 530 -13.73 -49.23 4.10
C LEU A 530 -12.66 -48.25 3.62
N LEU A 531 -11.46 -48.35 4.18
CA LEU A 531 -10.36 -47.48 3.80
C LEU A 531 -9.88 -47.76 2.36
N ASN A 532 -9.80 -49.05 2.00
CA ASN A 532 -9.39 -49.44 0.66
C ASN A 532 -10.44 -49.10 -0.39
N TRP A 533 -11.73 -49.23 -0.04
CA TRP A 533 -12.83 -48.91 -0.94
C TRP A 533 -12.82 -47.41 -1.27
N MET A 534 -12.63 -46.60 -0.24
CA MET A 534 -12.56 -45.15 -0.40
C MET A 534 -11.40 -44.74 -1.30
N LYS A 535 -10.21 -45.22 -0.97
CA LYS A 535 -9.00 -44.87 -1.72
C LYS A 535 -9.00 -45.37 -3.18
N ASP A 536 -9.46 -46.61 -3.40
CA ASP A 536 -9.41 -47.22 -4.74
C ASP A 536 -10.61 -47.01 -5.69
N LYS A 537 -11.76 -46.56 -5.18
CA LYS A 537 -12.94 -46.33 -6.05
C LYS A 537 -13.94 -45.24 -5.64
N ALA A 538 -14.46 -45.31 -4.42
CA ALA A 538 -15.44 -44.34 -3.92
C ALA A 538 -14.98 -42.89 -4.01
N LEU A 539 -13.73 -42.66 -3.62
CA LEU A 539 -13.13 -41.33 -3.60
C LEU A 539 -11.79 -41.34 -4.37
N LYS A 540 -11.64 -42.31 -5.28
CA LYS A 540 -10.43 -42.43 -6.08
C LYS A 540 -10.01 -41.10 -6.69
N ASP A 541 -8.71 -40.81 -6.59
CA ASP A 541 -8.09 -39.56 -7.07
C ASP A 541 -8.46 -38.27 -6.29
N LYS A 542 -9.24 -38.40 -5.21
CA LYS A 542 -9.63 -37.24 -4.40
C LYS A 542 -8.75 -37.08 -3.16
N ILE A 543 -8.31 -38.22 -2.61
CA ILE A 543 -7.57 -38.27 -1.35
C ILE A 543 -6.20 -38.97 -1.46
N GLU A 544 -5.26 -38.63 -0.58
CA GLU A 544 -3.93 -39.24 -0.56
CA GLU A 544 -3.93 -39.26 -0.57
C GLU A 544 -4.04 -40.69 -0.10
N LYS A 545 -4.79 -40.89 0.98
CA LYS A 545 -5.02 -42.18 1.59
C LYS A 545 -6.13 -42.02 2.60
N ALA A 546 -6.78 -43.12 2.93
CA ALA A 546 -7.85 -43.12 3.93
C ALA A 546 -7.35 -43.86 5.15
N VAL A 547 -7.38 -43.20 6.31
CA VAL A 547 -6.91 -43.81 7.56
C VAL A 547 -7.91 -43.62 8.70
N VAL A 548 -7.75 -44.44 9.74
CA VAL A 548 -8.56 -44.35 10.93
C VAL A 548 -7.99 -43.20 11.77
N SER A 549 -8.83 -42.24 12.13
CA SER A 549 -8.36 -41.09 12.91
C SER A 549 -8.15 -41.34 14.39
N GLN A 550 -7.35 -40.46 14.98
CA GLN A 550 -7.09 -40.47 16.42
C GLN A 550 -7.45 -39.09 16.98
N ARG A 551 -7.98 -38.21 16.14
CA ARG A 551 -8.22 -36.83 16.58
C ARG A 551 -9.69 -36.41 16.63
N LEU A 552 -10.56 -37.23 16.04
CA LEU A 552 -11.99 -36.95 16.01
C LEU A 552 -12.71 -37.52 17.21
N THR A 553 -13.84 -36.91 17.51
CA THR A 553 -14.70 -37.29 18.61
C THR A 553 -16.14 -37.31 18.14
N GLU A 554 -16.70 -36.14 17.81
CA GLU A 554 -18.09 -36.02 17.35
C GLU A 554 -18.19 -36.09 15.84
N SER A 555 -17.14 -35.66 15.17
CA SER A 555 -17.11 -35.64 13.71
C SER A 555 -16.79 -36.99 13.07
N PRO A 556 -17.46 -37.30 11.94
CA PRO A 556 -17.25 -38.56 11.22
C PRO A 556 -15.96 -38.63 10.42
N CYS A 557 -15.53 -37.51 9.86
CA CYS A 557 -14.33 -37.46 9.04
C CYS A 557 -13.80 -36.04 8.92
N ALA A 558 -12.55 -35.93 8.45
CA ALA A 558 -11.90 -34.62 8.26
C ALA A 558 -10.72 -34.77 7.32
N LEU A 559 -10.30 -33.66 6.72
CA LEU A 559 -9.18 -33.63 5.75
C LEU A 559 -7.90 -33.11 6.39
N VAL A 560 -6.92 -33.99 6.55
CA VAL A 560 -5.64 -33.61 7.14
C VAL A 560 -4.54 -33.38 6.10
N ALA A 561 -3.92 -32.20 6.13
CA ALA A 561 -2.83 -31.87 5.18
C ALA A 561 -1.48 -32.48 5.59
N SER A 562 -0.58 -32.64 4.62
CA SER A 562 0.73 -33.21 4.91
C SER A 562 1.59 -32.27 5.76
N GLN A 563 2.63 -32.83 6.37
CA GLN A 563 3.55 -32.13 7.27
C GLN A 563 4.04 -30.76 6.77
N TYR A 564 4.44 -30.66 5.51
CA TYR A 564 4.91 -29.38 4.99
C TYR A 564 3.99 -28.78 3.93
N GLY A 565 2.75 -29.28 3.87
CA GLY A 565 1.75 -28.79 2.93
C GLY A 565 0.94 -27.65 3.52
N TRP A 566 -0.06 -27.20 2.76
CA TRP A 566 -0.91 -26.08 3.15
C TRP A 566 -2.19 -26.51 3.85
N SER A 567 -2.51 -25.83 4.95
CA SER A 567 -3.76 -26.07 5.64
C SER A 567 -4.83 -25.27 4.91
N GLY A 568 -6.10 -25.53 5.23
CA GLY A 568 -7.21 -24.79 4.64
C GLY A 568 -6.99 -23.30 4.80
N ASN A 569 -6.59 -22.88 6.00
CA ASN A 569 -6.28 -21.49 6.28
C ASN A 569 -5.19 -20.92 5.36
N MET A 570 -4.10 -21.68 5.15
CA MET A 570 -3.08 -21.22 4.21
C MET A 570 -3.61 -21.16 2.79
N GLU A 571 -4.46 -22.10 2.43
CA GLU A 571 -5.07 -22.11 1.11
C GLU A 571 -5.89 -20.84 0.96
N ARG A 572 -6.67 -20.49 2.00
CA ARG A 572 -7.52 -19.29 1.98
C ARG A 572 -6.70 -18.00 1.81
N ILE A 573 -5.68 -17.85 2.66
CA ILE A 573 -4.79 -16.69 2.65
C ILE A 573 -4.07 -16.54 1.32
N MET A 574 -3.63 -17.66 0.77
CA MET A 574 -2.95 -17.65 -0.51
C MET A 574 -3.88 -17.33 -1.69
N LYS A 575 -5.10 -17.88 -1.66
CA LYS A 575 -6.10 -17.63 -2.72
C LYS A 575 -6.55 -16.18 -2.75
N ALA A 576 -6.65 -15.56 -1.57
CA ALA A 576 -7.08 -14.18 -1.45
C ALA A 576 -5.95 -13.23 -1.88
N GLN A 577 -4.71 -13.65 -1.64
CA GLN A 577 -3.53 -12.88 -2.02
C GLN A 577 -3.26 -13.03 -3.53
N ALA A 578 -3.73 -14.14 -4.10
CA ALA A 578 -3.59 -14.42 -5.52
C ALA A 578 -4.72 -13.78 -6.33
N TYR A 579 -5.71 -13.24 -5.61
CA TYR A 579 -6.84 -12.59 -6.24
C TYR A 579 -6.79 -11.06 -6.10
N GLN A 580 -6.69 -10.59 -4.86
CA GLN A 580 -6.64 -9.16 -4.56
C GLN A 580 -5.37 -8.52 -5.08
N THR A 581 -4.25 -9.23 -4.97
CA THR A 581 -2.96 -8.72 -5.42
C THR A 581 -2.38 -9.51 -6.60
N GLY A 582 -2.20 -10.81 -6.39
CA GLY A 582 -1.64 -11.71 -7.41
C GLY A 582 -2.44 -11.80 -8.70
N LYS A 583 -1.80 -12.37 -9.72
CA LYS A 583 -2.43 -12.53 -11.03
C LYS A 583 -2.73 -14.01 -11.37
N ASP A 584 -3.58 -14.64 -10.56
CA ASP A 584 -4.03 -16.04 -10.75
C ASP A 584 -2.95 -17.11 -10.56
N ILE A 585 -3.02 -17.79 -9.42
CA ILE A 585 -2.12 -18.90 -9.10
C ILE A 585 -2.93 -20.18 -9.04
N SER A 586 -3.58 -20.51 -10.16
CA SER A 586 -4.42 -21.71 -10.30
C SER A 586 -3.54 -22.97 -10.35
N THR A 587 -2.60 -22.96 -11.29
CA THR A 587 -1.63 -24.04 -11.45
C THR A 587 -0.47 -23.70 -10.53
N ASN A 588 -0.69 -23.84 -9.23
CA ASN A 588 0.30 -23.48 -8.19
C ASN A 588 1.40 -24.53 -7.97
N TYR A 589 1.82 -24.67 -6.73
CA TYR A 589 2.86 -25.63 -6.34
C TYR A 589 2.23 -26.75 -5.51
N TYR A 590 1.61 -26.36 -4.40
CA TYR A 590 0.91 -27.31 -3.55
C TYR A 590 -0.36 -26.72 -2.93
N ALA A 591 -1.24 -26.24 -3.80
CA ALA A 591 -2.54 -25.69 -3.43
C ALA A 591 -3.62 -26.68 -3.89
N SER A 592 -3.41 -27.21 -5.10
CA SER A 592 -4.31 -28.19 -5.68
C SER A 592 -3.74 -29.60 -5.47
N GLN A 593 -3.59 -29.98 -4.20
CA GLN A 593 -3.09 -31.31 -3.87
C GLN A 593 -4.07 -32.05 -2.98
N LYS A 594 -4.07 -33.37 -3.12
CA LYS A 594 -4.93 -34.26 -2.37
C LYS A 594 -4.56 -34.23 -0.89
N LYS A 595 -5.54 -34.44 -0.02
CA LYS A 595 -5.33 -34.47 1.42
C LYS A 595 -5.54 -35.87 2.01
N THR A 596 -5.31 -36.01 3.31
CA THR A 596 -5.49 -37.28 4.01
C THR A 596 -6.87 -37.31 4.66
N PHE A 597 -7.70 -38.23 4.19
CA PHE A 597 -9.07 -38.37 4.65
C PHE A 597 -9.09 -39.28 5.86
N GLU A 598 -9.27 -38.69 7.05
CA GLU A 598 -9.31 -39.44 8.29
C GLU A 598 -10.76 -39.69 8.70
N ILE A 599 -11.12 -40.96 8.87
CA ILE A 599 -12.48 -41.32 9.28
C ILE A 599 -12.53 -41.76 10.75
N ASN A 600 -13.68 -41.53 11.40
CA ASN A 600 -13.91 -41.87 12.80
C ASN A 600 -14.67 -43.20 12.94
N PRO A 601 -13.97 -44.25 13.39
CA PRO A 601 -14.51 -45.60 13.53
C PRO A 601 -15.64 -45.75 14.56
N ARG A 602 -15.71 -44.85 15.52
CA ARG A 602 -16.76 -44.94 16.52
C ARG A 602 -17.98 -44.09 16.15
N HIS A 603 -17.97 -43.51 14.95
CA HIS A 603 -19.10 -42.69 14.51
C HIS A 603 -20.12 -43.56 13.80
N PRO A 604 -21.39 -43.51 14.26
CA PRO A 604 -22.50 -44.31 13.75
C PRO A 604 -22.55 -44.41 12.23
N LEU A 605 -22.44 -43.28 11.55
CA LEU A 605 -22.51 -43.26 10.10
C LEU A 605 -21.35 -44.00 9.43
N ILE A 606 -20.16 -43.94 10.02
CA ILE A 606 -19.00 -44.64 9.50
C ILE A 606 -19.13 -46.15 9.79
N LYS A 607 -19.65 -46.49 10.97
CA LYS A 607 -19.92 -47.89 11.33
C LYS A 607 -20.87 -48.51 10.30
N ASP A 608 -21.96 -47.80 10.03
CA ASP A 608 -22.97 -48.24 9.05
C ASP A 608 -22.37 -48.29 7.64
N MET A 609 -21.42 -47.39 7.38
CA MET A 609 -20.77 -47.32 6.07
C MET A 609 -19.85 -48.50 5.85
N LEU A 610 -19.35 -49.10 6.93
CA LEU A 610 -18.49 -50.27 6.84
C LEU A 610 -19.32 -51.50 6.53
N ARG A 611 -20.44 -51.62 7.22
CA ARG A 611 -21.36 -52.74 7.08
C ARG A 611 -21.92 -52.88 5.66
N ARG A 612 -22.44 -51.80 5.09
CA ARG A 612 -23.05 -51.86 3.76
C ARG A 612 -22.03 -52.02 2.64
N VAL A 613 -20.79 -51.57 2.87
CA VAL A 613 -19.73 -51.72 1.87
C VAL A 613 -19.28 -53.18 1.71
N LYS A 614 -19.15 -53.90 2.82
CA LYS A 614 -18.75 -55.30 2.79
C LYS A 614 -19.88 -56.18 2.23
N GLU A 615 -21.11 -55.79 2.50
CA GLU A 615 -22.29 -56.50 2.00
C GLU A 615 -22.46 -56.31 0.50
N ASP A 616 -22.25 -55.08 0.03
CA ASP A 616 -22.33 -54.75 -1.40
C ASP A 616 -21.46 -53.53 -1.70
N GLU A 617 -20.31 -53.79 -2.32
CA GLU A 617 -19.34 -52.75 -2.66
C GLU A 617 -19.83 -51.83 -3.78
N ASP A 618 -20.54 -52.40 -4.75
CA ASP A 618 -21.04 -51.67 -5.89
C ASP A 618 -22.38 -50.96 -5.66
N ASP A 619 -22.71 -50.70 -4.39
CA ASP A 619 -23.96 -50.00 -4.07
C ASP A 619 -23.74 -48.52 -4.32
N LYS A 620 -24.60 -47.92 -5.14
CA LYS A 620 -24.47 -46.51 -5.49
C LYS A 620 -24.87 -45.55 -4.37
N THR A 621 -25.79 -45.98 -3.50
CA THR A 621 -26.25 -45.14 -2.42
C THR A 621 -25.14 -44.84 -1.41
N VAL A 622 -24.22 -45.78 -1.21
CA VAL A 622 -23.12 -45.58 -0.26
C VAL A 622 -22.02 -44.79 -0.96
N SER A 623 -21.84 -45.00 -2.26
CA SER A 623 -20.85 -44.27 -3.04
C SER A 623 -21.23 -42.80 -3.11
N ASP A 624 -22.52 -42.53 -3.29
CA ASP A 624 -23.01 -41.16 -3.34
C ASP A 624 -22.83 -40.49 -2.00
N LEU A 625 -23.08 -41.25 -0.94
CA LEU A 625 -22.96 -40.75 0.43
C LEU A 625 -21.49 -40.42 0.70
N ALA A 626 -20.59 -41.30 0.28
CA ALA A 626 -19.16 -41.12 0.47
C ALA A 626 -18.70 -39.77 -0.06
N VAL A 627 -19.17 -39.42 -1.25
CA VAL A 627 -18.83 -38.15 -1.88
C VAL A 627 -19.32 -36.94 -1.06
N VAL A 628 -20.59 -36.94 -0.67
CA VAL A 628 -21.19 -35.85 0.09
C VAL A 628 -20.53 -35.65 1.45
N LEU A 629 -20.18 -36.76 2.09
CA LEU A 629 -19.54 -36.74 3.39
C LEU A 629 -18.14 -36.10 3.23
N PHE A 630 -17.46 -36.48 2.16
CA PHE A 630 -16.14 -35.92 1.85
C PHE A 630 -16.20 -34.44 1.53
N GLU A 631 -17.12 -34.08 0.64
CA GLU A 631 -17.32 -32.68 0.23
C GLU A 631 -17.62 -31.80 1.43
N THR A 632 -18.48 -32.28 2.32
CA THR A 632 -18.83 -31.55 3.53
C THR A 632 -17.60 -31.52 4.42
N ALA A 633 -16.85 -32.63 4.48
CA ALA A 633 -15.65 -32.70 5.30
C ALA A 633 -14.67 -31.61 4.87
N THR A 634 -14.66 -31.34 3.56
CA THR A 634 -13.88 -30.28 2.95
C THR A 634 -14.28 -28.90 3.48
N LEU A 635 -15.57 -28.67 3.76
CA LEU A 635 -15.99 -27.38 4.31
C LEU A 635 -15.61 -27.34 5.79
N ARG A 636 -15.80 -28.47 6.45
CA ARG A 636 -15.51 -28.59 7.86
C ARG A 636 -14.02 -28.50 8.15
N SER A 637 -13.20 -28.92 7.17
CA SER A 637 -11.74 -28.91 7.32
C SER A 637 -11.15 -27.55 6.94
N GLY A 638 -11.99 -26.59 6.60
CA GLY A 638 -11.54 -25.26 6.25
C GLY A 638 -11.05 -25.08 4.82
N TYR A 639 -11.36 -26.01 3.92
CA TYR A 639 -10.95 -25.91 2.53
C TYR A 639 -12.04 -25.40 1.61
N LEU A 640 -11.62 -24.94 0.46
CA LEU A 640 -12.56 -24.44 -0.51
C LEU A 640 -13.04 -25.64 -1.29
N LEU A 641 -14.33 -25.63 -1.57
CA LEU A 641 -15.01 -26.67 -2.34
C LEU A 641 -14.76 -26.26 -3.78
N PRO A 642 -14.44 -27.23 -4.66
CA PRO A 642 -14.13 -26.93 -6.07
C PRO A 642 -15.28 -26.74 -7.08
N ASP A 643 -16.53 -26.85 -6.66
CA ASP A 643 -17.69 -26.67 -7.56
C ASP A 643 -18.93 -26.70 -6.69
N THR A 644 -19.38 -25.52 -6.26
CA THR A 644 -20.55 -25.40 -5.38
C THR A 644 -21.83 -25.81 -6.09
N LYS A 645 -21.87 -25.63 -7.41
CA LYS A 645 -23.03 -26.03 -8.17
C LYS A 645 -23.27 -27.54 -8.06
N ALA A 646 -22.23 -28.32 -8.42
CA ALA A 646 -22.22 -29.78 -8.42
C ALA A 646 -22.42 -30.33 -7.04
N TYR A 647 -21.96 -29.59 -6.05
CA TYR A 647 -22.10 -30.03 -4.71
C TYR A 647 -23.53 -29.80 -4.24
N GLY A 648 -24.16 -28.75 -4.76
CA GLY A 648 -25.51 -28.38 -4.34
C GLY A 648 -26.46 -29.43 -4.87
N ASP A 649 -26.20 -29.83 -6.10
CA ASP A 649 -26.97 -30.82 -6.83
C ASP A 649 -26.87 -32.22 -6.20
N ARG A 650 -25.72 -32.55 -5.61
CA ARG A 650 -25.53 -33.83 -4.94
C ARG A 650 -26.27 -33.85 -3.62
N ILE A 651 -26.30 -32.69 -2.95
CA ILE A 651 -27.05 -32.50 -1.71
C ILE A 651 -28.56 -32.61 -2.05
N GLU A 652 -28.95 -32.15 -3.24
CA GLU A 652 -30.34 -32.24 -3.69
C GLU A 652 -30.75 -33.70 -3.88
N ARG A 653 -29.97 -34.44 -4.68
CA ARG A 653 -30.20 -35.86 -4.92
CA ARG A 653 -30.23 -35.85 -4.92
C ARG A 653 -30.35 -36.60 -3.60
N MET A 654 -29.51 -36.24 -2.64
CA MET A 654 -29.53 -36.83 -1.32
C MET A 654 -30.84 -36.49 -0.61
N LEU A 655 -31.26 -35.23 -0.68
CA LEU A 655 -32.51 -34.80 -0.04
C LEU A 655 -33.75 -35.48 -0.61
N ARG A 656 -33.76 -35.73 -1.92
CA ARG A 656 -34.86 -36.42 -2.58
CA ARG A 656 -34.87 -36.41 -2.57
C ARG A 656 -34.97 -37.85 -2.08
N LEU A 657 -33.82 -38.52 -1.99
CA LEU A 657 -33.74 -39.90 -1.55
C LEU A 657 -33.95 -40.00 -0.05
N SER A 658 -33.60 -38.93 0.67
CA SER A 658 -33.78 -38.89 2.12
C SER A 658 -35.26 -38.74 2.45
N LEU A 659 -35.96 -37.98 1.62
CA LEU A 659 -37.38 -37.80 1.75
C LEU A 659 -38.00 -38.80 0.81
N ASN A 660 -38.86 -38.35 -0.11
CA ASN A 660 -39.46 -39.26 -1.08
C ASN A 660 -39.62 -38.64 -2.49
N ILE A 661 -38.85 -37.59 -2.77
CA ILE A 661 -38.93 -36.93 -4.08
C ILE A 661 -38.19 -37.71 -5.16
N LYS B 36 39.01 -6.31 -14.05
CA LYS B 36 38.76 -7.76 -13.82
C LYS B 36 37.25 -8.07 -13.72
N LEU B 37 36.47 -7.42 -14.59
CA LEU B 37 35.02 -7.64 -14.62
C LEU B 37 34.52 -7.99 -16.02
N ILE B 38 33.98 -6.99 -16.72
CA ILE B 38 33.42 -7.18 -18.06
C ILE B 38 34.53 -7.24 -19.12
N ILE B 39 34.89 -6.08 -19.68
CA ILE B 39 35.91 -5.92 -20.73
C ILE B 39 35.65 -6.68 -22.04
N ASN B 40 35.56 -8.01 -21.97
CA ASN B 40 35.35 -8.82 -23.17
C ASN B 40 34.16 -9.79 -23.05
N SER B 41 32.97 -9.23 -22.77
CA SER B 41 31.75 -10.04 -22.66
C SER B 41 30.51 -9.22 -23.00
N LEU B 42 30.51 -7.94 -22.61
CA LEU B 42 29.40 -7.04 -22.89
C LEU B 42 29.90 -5.69 -23.38
CA TYR B 43 31.74 -7.52 -25.96
C TYR B 43 30.47 -7.53 -26.81
N LYS B 44 29.40 -8.15 -26.27
CA LYS B 44 28.09 -8.27 -26.92
C LYS B 44 27.63 -6.97 -27.60
N ASN B 45 27.82 -5.86 -26.90
CA ASN B 45 27.54 -4.52 -27.39
C ASN B 45 28.92 -3.84 -27.40
N LYS B 46 29.70 -4.15 -28.43
CA LYS B 46 31.11 -3.71 -28.53
C LYS B 46 31.51 -2.24 -28.53
N GLU B 47 30.65 -1.37 -29.07
CA GLU B 47 30.98 0.04 -29.23
C GLU B 47 30.08 1.04 -28.51
N ILE B 48 29.47 0.61 -27.41
CA ILE B 48 28.54 1.46 -26.64
C ILE B 48 29.18 2.52 -25.75
N PHE B 49 30.50 2.51 -25.66
CA PHE B 49 31.25 3.45 -24.83
C PHE B 49 31.01 4.90 -25.28
N LEU B 50 30.91 5.11 -26.60
CA LEU B 50 30.72 6.43 -27.16
C LEU B 50 29.33 6.94 -26.86
N ARG B 51 28.34 6.04 -27.00
CA ARG B 51 26.95 6.36 -26.70
C ARG B 51 26.84 6.92 -25.28
N GLU B 52 27.52 6.28 -24.34
CA GLU B 52 27.49 6.71 -22.94
C GLU B 52 28.24 8.02 -22.71
N LEU B 53 29.36 8.20 -23.41
CA LEU B 53 30.12 9.44 -23.30
C LEU B 53 29.45 10.60 -24.01
N ILE B 54 28.68 10.29 -25.05
CA ILE B 54 27.91 11.31 -25.77
C ILE B 54 26.69 11.63 -24.93
N SER B 55 26.07 10.60 -24.37
CA SER B 55 24.90 10.76 -23.50
C SER B 55 25.28 11.62 -22.30
N ASN B 56 26.37 11.26 -21.62
CA ASN B 56 26.85 12.00 -20.44
C ASN B 56 27.18 13.46 -20.74
N ALA B 57 27.74 13.72 -21.93
CA ALA B 57 28.10 15.07 -22.35
C ALA B 57 26.84 15.90 -22.56
N SER B 58 25.83 15.29 -23.15
CA SER B 58 24.54 15.93 -23.39
C SER B 58 23.87 16.25 -22.06
N ASP B 59 24.02 15.34 -21.08
CA ASP B 59 23.48 15.56 -19.74
C ASP B 59 24.18 16.73 -19.05
N ALA B 60 25.48 16.85 -19.28
CA ALA B 60 26.26 17.95 -18.71
C ALA B 60 25.86 19.25 -19.39
N LEU B 61 25.62 19.18 -20.69
CA LEU B 61 25.18 20.34 -21.45
C LEU B 61 23.78 20.79 -21.01
N ASP B 62 22.86 19.84 -20.85
CA ASP B 62 21.51 20.14 -20.36
C ASP B 62 21.54 20.82 -19.00
N LYS B 63 22.42 20.34 -18.13
CA LYS B 63 22.52 20.84 -16.75
C LYS B 63 23.06 22.27 -16.60
N ILE B 64 24.10 22.63 -17.35
CA ILE B 64 24.60 24.00 -17.28
C ILE B 64 23.60 24.98 -17.90
N ARG B 65 22.88 24.52 -18.92
CA ARG B 65 21.88 25.33 -19.59
C ARG B 65 20.71 25.60 -18.65
N LEU B 66 20.33 24.57 -17.88
CA LEU B 66 19.22 24.64 -16.93
C LEU B 66 19.52 25.65 -15.81
N ILE B 67 20.76 25.63 -15.34
CA ILE B 67 21.23 26.54 -14.29
C ILE B 67 21.27 27.97 -14.81
N SER B 68 21.72 28.14 -16.06
CA SER B 68 21.87 29.46 -16.70
C SER B 68 20.58 30.28 -16.79
N LEU B 69 19.44 29.60 -16.70
CA LEU B 69 18.12 30.22 -16.77
C LEU B 69 17.81 31.02 -15.53
N THR B 70 18.58 30.80 -14.46
CA THR B 70 18.40 31.51 -13.21
C THR B 70 19.67 32.27 -12.82
N ASP B 71 20.80 31.80 -13.34
CA ASP B 71 22.10 32.40 -13.07
C ASP B 71 22.71 33.01 -14.35
N GLU B 72 22.73 34.34 -14.39
CA GLU B 72 23.24 35.09 -15.55
C GLU B 72 24.71 34.84 -15.86
N ASN B 73 25.53 34.69 -14.82
CA ASN B 73 26.97 34.46 -14.99
C ASN B 73 27.36 33.00 -15.00
N ALA B 74 26.46 32.13 -15.45
CA ALA B 74 26.72 30.71 -15.51
C ALA B 74 27.53 30.32 -16.75
N LEU B 75 27.29 31.01 -17.86
CA LEU B 75 27.99 30.73 -19.12
C LEU B 75 29.16 31.69 -19.36
N ALA B 76 29.89 32.02 -18.30
CA ALA B 76 31.02 32.96 -18.40
C ALA B 76 32.26 32.32 -19.03
N GLY B 77 32.51 31.05 -18.71
CA GLY B 77 33.66 30.31 -19.23
C GLY B 77 33.57 29.96 -20.71
N ASN B 78 32.37 29.60 -21.16
CA ASN B 78 32.13 29.25 -22.56
C ASN B 78 30.83 29.80 -23.11
N GLU B 79 30.90 30.48 -24.24
CA GLU B 79 29.70 30.99 -24.91
C GLU B 79 28.91 29.78 -25.39
N GLU B 80 29.57 28.95 -26.22
CA GLU B 80 28.97 27.77 -26.86
C GLU B 80 28.61 26.57 -25.96
N LEU B 81 27.78 25.69 -26.52
CA LEU B 81 27.34 24.46 -25.87
C LEU B 81 27.53 23.34 -26.88
N THR B 82 28.71 22.73 -26.87
CA THR B 82 29.02 21.70 -27.84
C THR B 82 29.67 20.42 -27.28
N VAL B 83 29.77 19.42 -28.15
CA VAL B 83 30.47 18.18 -27.86
C VAL B 83 31.46 18.05 -29.02
N LYS B 84 32.75 18.01 -28.67
CA LYS B 84 33.81 17.94 -29.67
C LYS B 84 34.71 16.72 -29.48
N ILE B 85 34.74 15.87 -30.51
CA ILE B 85 35.53 14.64 -30.49
C ILE B 85 36.77 14.76 -31.38
N LYS B 86 37.94 14.52 -30.79
CA LYS B 86 39.20 14.68 -31.52
C LYS B 86 39.97 13.35 -31.61
N CYS B 87 40.34 12.98 -32.83
CA CYS B 87 41.11 11.77 -33.11
C CYS B 87 42.60 12.07 -33.00
N ASP B 88 43.33 11.22 -32.27
CA ASP B 88 44.77 11.42 -32.10
C ASP B 88 45.53 10.10 -32.36
N LYS B 89 46.07 9.98 -33.57
CA LYS B 89 46.82 8.79 -33.98
C LYS B 89 48.11 8.59 -33.21
N GLU B 90 49.05 9.52 -33.42
CA GLU B 90 50.40 9.52 -32.84
C GLU B 90 50.49 9.15 -31.37
N LYS B 91 49.71 9.83 -30.53
CA LYS B 91 49.73 9.61 -29.10
C LYS B 91 48.79 8.49 -28.63
N ASN B 92 48.03 7.92 -29.58
CA ASN B 92 47.05 6.85 -29.32
C ASN B 92 45.98 7.33 -28.32
N LEU B 93 45.38 8.48 -28.62
CA LEU B 93 44.38 9.07 -27.73
C LEU B 93 43.05 9.38 -28.40
N LEU B 94 42.00 9.44 -27.60
CA LEU B 94 40.67 9.81 -28.09
C LEU B 94 40.02 10.69 -27.05
N HIS B 95 39.65 11.90 -27.45
CA HIS B 95 39.08 12.88 -26.55
C HIS B 95 37.61 13.15 -26.84
N VAL B 96 36.79 13.17 -25.80
CA VAL B 96 35.39 13.54 -25.93
C VAL B 96 35.26 14.79 -25.07
N THR B 97 35.25 15.94 -25.74
CA THR B 97 35.23 17.23 -25.07
C THR B 97 33.85 17.89 -25.10
N ASP B 98 33.34 18.19 -23.91
CA ASP B 98 32.07 18.88 -23.79
C ASP B 98 32.24 20.17 -23.03
N THR B 99 31.37 21.13 -23.31
CA THR B 99 31.39 22.42 -22.62
C THR B 99 30.23 22.47 -21.64
N GLY B 100 29.85 21.31 -21.11
CA GLY B 100 28.77 21.20 -20.15
C GLY B 100 29.08 21.77 -18.78
N VAL B 101 28.35 21.31 -17.76
CA VAL B 101 28.52 21.80 -16.39
C VAL B 101 29.94 21.61 -15.81
N GLY B 102 30.55 20.47 -16.08
CA GLY B 102 31.88 20.16 -15.54
C GLY B 102 31.73 19.51 -14.17
N MET B 103 32.84 19.22 -13.52
CA MET B 103 32.82 18.60 -12.21
C MET B 103 33.85 19.22 -11.27
N THR B 104 33.45 19.43 -10.01
CA THR B 104 34.37 19.94 -9.01
C THR B 104 35.21 18.75 -8.56
N ARG B 105 36.32 19.03 -7.87
CA ARG B 105 37.20 17.99 -7.36
C ARG B 105 36.42 16.97 -6.53
N GLU B 106 35.56 17.47 -5.63
CA GLU B 106 34.74 16.63 -4.76
C GLU B 106 33.83 15.70 -5.57
N GLU B 107 33.30 16.20 -6.67
CA GLU B 107 32.43 15.42 -7.55
C GLU B 107 33.24 14.45 -8.40
N LEU B 108 34.48 14.80 -8.71
CA LEU B 108 35.35 13.93 -9.51
C LEU B 108 35.69 12.63 -8.76
N VAL B 109 35.56 12.67 -7.43
CA VAL B 109 35.82 11.50 -6.57
C VAL B 109 34.66 10.50 -6.58
N LYS B 110 33.47 10.97 -6.23
CA LYS B 110 32.27 10.13 -6.13
C LYS B 110 31.65 9.70 -7.47
N ASN B 111 31.28 10.69 -8.27
CA ASN B 111 30.63 10.48 -9.56
C ASN B 111 31.39 9.59 -10.54
N LEU B 112 32.71 9.71 -10.55
CA LEU B 112 33.54 8.93 -11.44
C LEU B 112 33.98 7.66 -10.73
N GLY B 113 33.19 6.60 -10.88
CA GLY B 113 33.48 5.32 -10.26
C GLY B 113 32.72 4.17 -10.89
N THR B 114 31.93 3.48 -10.09
CA THR B 114 31.12 2.36 -10.57
C THR B 114 29.67 2.46 -10.09
N VAL B 146 27.17 -0.45 -18.97
CA VAL B 146 26.89 0.89 -19.49
C VAL B 146 27.20 1.98 -18.47
N GLY B 147 27.18 3.23 -18.91
CA GLY B 147 27.48 4.36 -18.03
C GLY B 147 28.90 4.86 -18.25
N PHE B 148 29.42 5.62 -17.29
CA PHE B 148 30.78 6.17 -17.39
C PHE B 148 31.85 5.07 -17.48
N TYR B 149 31.70 4.03 -16.68
CA TYR B 149 32.65 2.92 -16.61
C TYR B 149 32.81 2.15 -17.93
N SER B 150 31.80 2.22 -18.80
CA SER B 150 31.82 1.55 -20.12
C SER B 150 32.98 2.03 -21.01
N ALA B 151 33.62 3.12 -20.58
CA ALA B 151 34.78 3.67 -21.27
C ALA B 151 35.98 2.73 -21.16
N PHE B 152 35.93 1.83 -20.17
CA PHE B 152 37.00 0.85 -19.96
C PHE B 152 36.81 -0.42 -20.79
N LEU B 153 35.83 -0.41 -21.68
CA LEU B 153 35.58 -1.55 -22.56
C LEU B 153 36.42 -1.42 -23.81
N VAL B 154 37.11 -0.28 -23.94
CA VAL B 154 37.96 0.01 -25.10
C VAL B 154 39.28 0.67 -24.70
N ALA B 155 39.34 1.16 -23.46
CA ALA B 155 40.52 1.85 -22.95
C ALA B 155 40.96 1.29 -21.60
N ASP B 156 42.26 1.28 -21.34
CA ASP B 156 42.78 0.80 -20.06
C ASP B 156 43.14 1.93 -19.09
N LYS B 157 42.87 3.17 -19.50
CA LYS B 157 43.12 4.36 -18.66
C LYS B 157 42.27 5.53 -19.14
N VAL B 158 41.47 6.08 -18.22
CA VAL B 158 40.59 7.21 -18.52
C VAL B 158 41.09 8.47 -17.84
N ILE B 159 41.32 9.51 -18.65
CA ILE B 159 41.81 10.80 -18.15
C ILE B 159 40.69 11.81 -18.25
N VAL B 160 40.13 12.16 -17.10
CA VAL B 160 39.05 13.13 -17.04
C VAL B 160 39.52 14.52 -16.58
N THR B 161 39.57 15.44 -17.52
CA THR B 161 39.95 16.82 -17.22
C THR B 161 38.64 17.58 -17.07
N SER B 162 38.46 18.26 -15.93
CA SER B 162 37.21 18.99 -15.71
C SER B 162 37.32 20.32 -14.95
N LYS B 163 36.48 21.26 -15.37
CA LYS B 163 36.39 22.58 -14.77
C LYS B 163 34.92 22.93 -14.53
N HIS B 164 34.62 23.37 -13.32
CA HIS B 164 33.29 23.77 -12.90
C HIS B 164 33.34 25.26 -12.52
N ASN B 165 32.19 25.91 -12.38
CA ASN B 165 32.15 27.33 -12.02
C ASN B 165 32.57 27.69 -10.59
N ASN B 166 32.25 26.83 -9.63
CA ASN B 166 32.54 27.10 -8.21
C ASN B 166 33.94 26.67 -7.74
N ASP B 167 34.69 25.99 -8.60
CA ASP B 167 36.00 25.44 -8.24
C ASP B 167 37.02 25.58 -9.37
N THR B 168 38.29 25.40 -9.05
CA THR B 168 39.37 25.45 -10.04
C THR B 168 39.39 24.15 -10.87
N GLN B 169 40.27 24.11 -11.88
CA GLN B 169 40.35 22.94 -12.76
C GLN B 169 41.22 21.81 -12.21
N HIS B 170 40.71 20.60 -12.29
CA HIS B 170 41.42 19.41 -11.83
C HIS B 170 41.47 18.34 -12.91
N ILE B 171 42.21 17.27 -12.65
CA ILE B 171 42.34 16.13 -13.56
C ILE B 171 42.06 14.86 -12.76
N TRP B 172 41.59 13.82 -13.43
CA TRP B 172 41.26 12.53 -12.83
C TRP B 172 41.78 11.43 -13.73
N GLU B 173 42.56 10.51 -13.19
CA GLU B 173 43.10 9.42 -13.99
C GLU B 173 43.05 8.06 -13.31
N SER B 174 42.26 7.16 -13.90
CA SER B 174 42.10 5.82 -13.36
C SER B 174 42.34 4.71 -14.40
N ASP B 175 42.95 3.62 -13.93
CA ASP B 175 43.23 2.45 -14.77
C ASP B 175 42.26 1.33 -14.41
N SER B 176 40.99 1.69 -14.24
CA SER B 176 39.88 0.80 -13.85
C SER B 176 39.98 0.21 -12.43
N ASN B 177 41.15 0.34 -11.80
CA ASN B 177 41.38 -0.16 -10.45
C ASN B 177 41.62 0.96 -9.42
N GLU B 178 42.58 1.83 -9.73
CA GLU B 178 42.94 2.93 -8.84
C GLU B 178 42.92 4.29 -9.53
N PHE B 179 42.50 5.32 -8.80
CA PHE B 179 42.38 6.68 -9.32
C PHE B 179 43.27 7.69 -8.60
N SER B 180 43.43 8.86 -9.19
CA SER B 180 44.21 9.96 -8.63
C SER B 180 43.65 11.30 -9.11
N VAL B 181 43.31 12.18 -8.16
CA VAL B 181 42.73 13.48 -8.50
C VAL B 181 43.72 14.63 -8.26
N ILE B 182 44.51 14.94 -9.27
CA ILE B 182 45.50 16.00 -9.19
C ILE B 182 44.93 17.34 -9.65
N ALA B 183 45.68 18.40 -9.39
CA ALA B 183 45.33 19.73 -9.87
C ALA B 183 45.95 19.80 -11.26
N ASP B 184 45.42 20.64 -12.13
CA ASP B 184 45.95 20.74 -13.48
C ASP B 184 47.08 21.77 -13.52
N PRO B 185 48.31 21.32 -13.84
CA PRO B 185 49.48 22.18 -13.95
C PRO B 185 49.36 23.17 -15.11
N ARG B 186 48.40 22.92 -16.00
CA ARG B 186 48.15 23.78 -17.14
C ARG B 186 47.16 24.89 -16.79
N GLY B 187 46.40 24.70 -15.72
CA GLY B 187 45.43 25.69 -15.25
C GLY B 187 44.04 25.52 -15.82
N ASN B 188 43.36 26.66 -16.04
CA ASN B 188 42.01 26.67 -16.59
C ASN B 188 42.07 26.77 -18.11
N THR B 189 42.20 25.63 -18.78
CA THR B 189 42.29 25.57 -20.24
C THR B 189 40.96 25.26 -20.92
N LEU B 190 39.95 24.92 -20.12
CA LEU B 190 38.65 24.56 -20.65
C LEU B 190 37.58 25.63 -20.46
N GLY B 191 37.77 26.50 -19.47
CA GLY B 191 36.78 27.53 -19.15
C GLY B 191 35.67 26.92 -18.31
N ARG B 192 35.02 25.90 -18.86
CA ARG B 192 33.95 25.15 -18.19
C ARG B 192 33.62 23.91 -19.02
N GLY B 193 33.59 22.75 -18.38
CA GLY B 193 33.27 21.51 -19.08
C GLY B 193 34.26 20.39 -18.82
N THR B 194 34.17 19.33 -19.60
CA THR B 194 35.07 18.18 -19.43
C THR B 194 35.58 17.63 -20.74
N THR B 195 36.75 17.00 -20.67
CA THR B 195 37.36 16.31 -21.78
C THR B 195 37.63 14.91 -21.26
N ILE B 196 37.05 13.92 -21.93
CA ILE B 196 37.28 12.53 -21.55
C ILE B 196 38.29 11.94 -22.51
N THR B 197 39.53 11.86 -22.04
CA THR B 197 40.61 11.31 -22.83
C THR B 197 40.72 9.82 -22.55
N LEU B 198 40.62 9.02 -23.61
CA LEU B 198 40.71 7.58 -23.50
C LEU B 198 42.01 7.11 -24.12
N VAL B 199 42.81 6.36 -23.36
CA VAL B 199 44.04 5.79 -23.87
C VAL B 199 43.64 4.39 -24.34
N LEU B 200 43.44 4.26 -25.65
CA LEU B 200 42.96 3.02 -26.26
C LEU B 200 43.89 1.82 -26.15
N LYS B 201 43.28 0.64 -26.02
CA LYS B 201 43.99 -0.62 -25.96
C LYS B 201 44.48 -0.93 -27.37
N GLU B 202 45.50 -1.79 -27.47
CA GLU B 202 46.04 -2.16 -28.77
C GLU B 202 45.00 -2.90 -29.63
N GLU B 203 44.06 -3.56 -28.97
CA GLU B 203 43.00 -4.30 -29.65
C GLU B 203 41.94 -3.34 -30.18
N ALA B 204 41.31 -2.60 -29.27
CA ALA B 204 40.29 -1.63 -29.64
C ALA B 204 40.93 -0.30 -30.07
N SER B 205 41.89 -0.38 -30.98
CA SER B 205 42.61 0.78 -31.50
C SER B 205 41.99 1.28 -32.81
N ASP B 206 41.01 0.53 -33.31
CA ASP B 206 40.32 0.86 -34.56
C ASP B 206 39.44 2.11 -34.40
N TYR B 207 39.23 2.53 -33.16
CA TYR B 207 38.40 3.71 -32.86
C TYR B 207 39.13 5.04 -33.05
N LEU B 208 40.37 4.98 -33.53
CA LEU B 208 41.16 6.15 -33.83
C LEU B 208 40.89 6.57 -35.28
N GLU B 209 40.41 5.61 -36.08
CA GLU B 209 40.12 5.83 -37.50
C GLU B 209 38.98 6.82 -37.69
N LEU B 210 39.26 7.87 -38.45
CA LEU B 210 38.33 8.96 -38.72
C LEU B 210 37.11 8.54 -39.56
N ASP B 211 37.30 7.59 -40.48
CA ASP B 211 36.22 7.13 -41.34
C ASP B 211 35.16 6.36 -40.54
N THR B 212 35.61 5.59 -39.56
CA THR B 212 34.72 4.77 -38.73
C THR B 212 34.04 5.60 -37.62
N ILE B 213 34.80 6.51 -37.00
CA ILE B 213 34.29 7.33 -35.90
C ILE B 213 33.17 8.31 -36.31
N LYS B 214 33.16 8.72 -37.58
CA LYS B 214 32.13 9.60 -38.12
C LYS B 214 30.77 8.91 -38.09
N ASN B 215 30.72 7.65 -38.50
CA ASN B 215 29.49 6.86 -38.53
C ASN B 215 29.07 6.46 -37.12
N LEU B 216 30.06 6.33 -36.25
CA LEU B 216 29.82 5.93 -34.86
C LEU B 216 29.06 6.99 -34.07
N VAL B 217 29.28 8.26 -34.40
CA VAL B 217 28.56 9.35 -33.73
C VAL B 217 27.21 9.62 -34.40
N LYS B 218 27.13 9.35 -35.71
CA LYS B 218 25.88 9.53 -36.46
C LYS B 218 24.83 8.52 -36.03
N LYS B 219 25.28 7.42 -35.42
CA LYS B 219 24.40 6.35 -34.97
C LYS B 219 23.85 6.59 -33.55
N TYR B 220 24.74 6.87 -32.60
CA TYR B 220 24.34 7.05 -31.20
C TYR B 220 23.97 8.47 -30.77
N SER B 221 23.78 9.37 -31.74
CA SER B 221 23.39 10.74 -31.39
C SER B 221 22.30 11.27 -32.32
N GLN B 222 21.37 10.39 -32.70
CA GLN B 222 20.26 10.77 -33.58
C GLN B 222 19.25 11.66 -32.86
N PHE B 223 19.25 11.60 -31.53
CA PHE B 223 18.31 12.38 -30.73
C PHE B 223 18.99 13.24 -29.67
N ILE B 224 20.28 13.48 -29.87
CA ILE B 224 21.02 14.37 -29.00
C ILE B 224 20.79 15.75 -29.61
N ASN B 225 20.30 16.68 -28.80
CA ASN B 225 19.95 18.02 -29.28
C ASN B 225 20.94 19.14 -28.95
N PHE B 226 22.22 18.81 -29.16
CA PHE B 226 23.36 19.69 -28.98
C PHE B 226 24.32 19.38 -30.11
N PRO B 227 25.00 20.39 -30.63
CA PRO B 227 25.90 20.18 -31.75
C PRO B 227 27.04 19.21 -31.41
N ILE B 228 27.24 18.21 -32.27
CA ILE B 228 28.33 17.26 -32.08
C ILE B 228 29.32 17.47 -33.23
N TYR B 229 30.57 17.73 -32.89
CA TYR B 229 31.59 17.98 -33.91
C TYR B 229 32.73 16.97 -33.83
N VAL B 230 33.27 16.62 -34.99
CA VAL B 230 34.44 15.74 -35.06
C VAL B 230 35.52 16.41 -35.90
N TRP B 231 36.77 16.25 -35.48
CA TRP B 231 37.89 16.88 -36.16
C TRP B 231 38.16 16.12 -37.46
N SER B 232 37.84 16.75 -38.58
CA SER B 232 38.04 16.16 -39.91
C SER B 232 38.54 17.21 -40.88
N SER B 233 38.66 16.84 -42.17
CA SER B 233 39.15 17.79 -43.18
C SER B 233 38.58 17.54 -44.58
N LYS B 234 38.98 18.41 -45.52
CA LYS B 234 38.54 18.33 -46.91
C LYS B 234 39.74 18.47 -47.85
N THR B 235 39.47 18.69 -49.14
CA THR B 235 40.52 18.86 -50.15
C THR B 235 40.16 19.96 -51.15
N VAL B 242 42.59 20.89 -45.04
CA VAL B 242 42.07 21.94 -44.18
C VAL B 242 41.25 21.33 -43.04
N TRP B 243 41.90 21.11 -41.91
CA TRP B 243 41.25 20.51 -40.73
C TRP B 243 40.36 21.51 -39.99
N ASP B 244 39.14 21.07 -39.68
CA ASP B 244 38.16 21.90 -38.97
C ASP B 244 37.01 21.02 -38.47
N TRP B 245 36.18 21.56 -37.58
CA TRP B 245 35.04 20.84 -37.02
C TRP B 245 33.91 20.66 -38.02
N GLU B 246 33.29 19.48 -37.98
CA GLU B 246 32.17 19.17 -38.87
C GLU B 246 30.98 18.69 -38.08
N LEU B 247 29.81 19.26 -38.35
CA LEU B 247 28.56 18.83 -37.72
C LEU B 247 28.12 17.48 -38.25
N MET B 248 27.90 16.54 -37.34
CA MET B 248 27.46 15.21 -37.66
C MET B 248 26.03 15.06 -37.21
N ASN B 249 25.58 16.08 -36.49
CA ASN B 249 24.31 16.08 -35.81
C ASN B 249 23.34 17.19 -36.21
N ASP B 250 22.05 16.87 -36.28
CA ASP B 250 21.00 17.85 -36.53
C ASP B 250 20.27 17.99 -35.19
N ILE B 251 20.26 19.20 -34.63
CA ILE B 251 19.68 19.42 -33.30
C ILE B 251 18.20 19.80 -33.27
N LYS B 252 17.56 19.82 -34.44
CA LYS B 252 16.13 20.08 -34.54
C LYS B 252 15.47 18.85 -33.92
N PRO B 253 14.75 19.04 -32.81
CA PRO B 253 14.09 17.96 -32.07
C PRO B 253 13.06 17.23 -32.90
N ILE B 254 12.86 15.95 -32.62
CA ILE B 254 11.90 15.14 -33.36
C ILE B 254 10.45 15.61 -33.16
N TRP B 255 10.11 16.06 -31.96
CA TRP B 255 8.76 16.54 -31.66
C TRP B 255 8.43 17.92 -32.29
N GLN B 256 9.46 18.63 -32.75
CA GLN B 256 9.29 19.95 -33.39
C GLN B 256 9.16 19.87 -34.90
N ARG B 257 9.26 18.66 -35.44
CA ARG B 257 9.17 18.46 -36.88
C ARG B 257 7.72 18.23 -37.29
N PRO B 258 7.36 18.57 -38.55
CA PRO B 258 6.02 18.32 -39.08
C PRO B 258 5.66 16.84 -38.95
N SER B 259 4.44 16.59 -38.46
CA SER B 259 3.90 15.25 -38.20
C SER B 259 4.19 14.14 -39.24
N LYS B 260 4.01 14.43 -40.52
CA LYS B 260 4.22 13.40 -41.53
C LYS B 260 5.63 13.38 -42.11
N GLU B 261 6.47 14.34 -41.74
CA GLU B 261 7.87 14.31 -42.17
C GLU B 261 8.65 13.28 -41.35
N VAL B 262 8.03 12.81 -40.26
CA VAL B 262 8.63 11.82 -39.37
C VAL B 262 8.11 10.43 -39.70
N GLU B 263 9.03 9.56 -40.13
CA GLU B 263 8.69 8.19 -40.47
C GLU B 263 8.43 7.36 -39.22
N ASP B 264 7.68 6.27 -39.38
CA ASP B 264 7.34 5.38 -38.25
C ASP B 264 8.61 4.79 -37.63
N ASP B 265 9.63 4.59 -38.47
CA ASP B 265 10.90 4.06 -38.03
C ASP B 265 11.51 4.98 -36.99
N GLU B 266 11.47 6.28 -37.27
CA GLU B 266 12.04 7.30 -36.41
C GLU B 266 11.35 7.40 -35.06
N TYR B 267 10.04 7.22 -35.05
CA TYR B 267 9.27 7.26 -33.80
C TYR B 267 9.66 6.13 -32.85
N LYS B 268 9.94 4.96 -33.41
CA LYS B 268 10.29 3.81 -32.62
C LYS B 268 11.73 3.91 -32.15
N ALA B 269 12.58 4.48 -32.99
CA ALA B 269 14.00 4.70 -32.67
C ALA B 269 14.15 5.76 -31.59
N PHE B 270 13.17 6.67 -31.50
CA PHE B 270 13.16 7.71 -30.47
C PHE B 270 12.71 7.12 -29.14
N TYR B 271 11.73 6.21 -29.19
CA TYR B 271 11.22 5.56 -27.97
C TYR B 271 12.27 4.76 -27.20
N LYS B 272 13.17 4.11 -27.94
CA LYS B 272 14.21 3.31 -27.32
C LYS B 272 15.38 4.16 -26.81
N SER B 273 15.44 5.43 -27.22
CA SER B 273 16.53 6.31 -26.82
C SER B 273 16.41 6.82 -25.39
N PHE B 274 15.20 6.82 -24.83
CA PHE B 274 15.04 7.30 -23.46
C PHE B 274 14.44 6.27 -22.50
N SER B 275 13.96 5.15 -23.02
CA SER B 275 13.43 4.08 -22.18
C SER B 275 14.50 3.01 -21.95
N LYS B 276 15.71 3.29 -22.43
CA LYS B 276 16.90 2.41 -22.34
C LYS B 276 16.70 0.99 -22.88
N GLU B 277 16.85 0.87 -24.20
CA GLU B 277 16.72 -0.39 -24.95
C GLU B 277 15.30 -0.99 -24.92
N SER B 278 15.22 -2.29 -25.19
CA SER B 278 13.97 -3.05 -25.26
C SER B 278 13.36 -2.95 -26.67
N ASP B 279 12.10 -3.34 -26.81
CA ASP B 279 11.41 -3.34 -28.10
C ASP B 279 10.46 -2.15 -28.29
N ASP B 280 9.85 -2.10 -29.47
CA ASP B 280 8.93 -1.05 -29.91
C ASP B 280 7.80 -0.74 -28.91
N PRO B 281 7.25 0.48 -28.96
CA PRO B 281 6.12 0.79 -28.09
C PRO B 281 4.83 0.26 -28.69
N MET B 282 3.81 0.07 -27.86
CA MET B 282 2.53 -0.43 -28.33
C MET B 282 1.85 0.59 -29.24
N ALA B 283 1.92 1.86 -28.86
CA ALA B 283 1.34 2.95 -29.66
C ALA B 283 1.98 4.31 -29.31
N TYR B 284 1.81 5.27 -30.21
CA TYR B 284 2.32 6.62 -29.98
C TYR B 284 1.41 7.63 -30.65
N ILE B 285 1.60 8.90 -30.27
CA ILE B 285 0.87 10.02 -30.85
C ILE B 285 1.72 11.28 -30.74
N HIS B 286 1.81 12.00 -31.85
CA HIS B 286 2.58 13.22 -31.93
C HIS B 286 1.63 14.33 -32.35
N PHE B 287 1.50 15.36 -31.52
CA PHE B 287 0.53 16.41 -31.79
C PHE B 287 0.95 17.82 -31.39
N THR B 288 0.33 18.81 -32.03
CA THR B 288 0.54 20.21 -31.70
C THR B 288 -0.74 20.67 -31.02
N ALA B 289 -0.63 21.03 -29.75
CA ALA B 289 -1.78 21.50 -29.00
C ALA B 289 -2.09 22.95 -29.35
N GLU B 290 -3.37 23.23 -29.55
CA GLU B 290 -3.81 24.59 -29.90
C GLU B 290 -4.84 25.13 -28.91
N GLY B 291 -5.01 26.45 -28.92
CA GLY B 291 -5.96 27.09 -28.03
C GLY B 291 -5.29 27.94 -26.97
N GLU B 292 -5.75 27.80 -25.73
CA GLU B 292 -5.25 28.56 -24.59
C GLU B 292 -3.74 28.45 -24.43
N VAL B 293 -3.24 27.22 -24.54
CA VAL B 293 -1.81 26.95 -24.50
C VAL B 293 -1.43 26.19 -25.78
N THR B 294 -0.22 26.44 -26.26
CA THR B 294 0.28 25.69 -27.41
C THR B 294 1.53 24.95 -26.99
N PHE B 295 1.61 23.70 -27.39
CA PHE B 295 2.79 22.88 -27.11
C PHE B 295 2.91 21.73 -28.10
N LYS B 296 4.11 21.19 -28.25
CA LYS B 296 4.32 20.01 -29.10
C LYS B 296 4.65 18.81 -28.24
N SER B 297 4.16 17.65 -28.64
CA SER B 297 4.32 16.45 -27.84
C SER B 297 4.23 15.14 -28.61
N ILE B 298 4.95 14.13 -28.11
CA ILE B 298 4.95 12.78 -28.64
C ILE B 298 4.78 11.94 -27.40
N LEU B 299 3.64 11.25 -27.28
CA LEU B 299 3.38 10.41 -26.11
C LEU B 299 3.42 8.95 -26.53
N PHE B 300 3.73 8.08 -25.59
CA PHE B 300 3.85 6.66 -25.88
C PHE B 300 3.14 5.72 -24.92
N VAL B 301 2.55 4.65 -25.47
CA VAL B 301 1.99 3.56 -24.69
C VAL B 301 3.07 2.48 -24.77
N PRO B 302 3.56 2.00 -23.62
CA PRO B 302 4.58 0.93 -23.64
C PRO B 302 3.94 -0.45 -23.87
N THR B 303 4.77 -1.48 -24.03
CA THR B 303 4.27 -2.83 -24.28
C THR B 303 3.83 -3.54 -23.00
N SER B 304 4.56 -3.31 -21.93
CA SER B 304 4.23 -3.93 -20.66
C SER B 304 3.98 -2.82 -19.66
N ALA B 305 3.34 -3.16 -18.53
CA ALA B 305 3.02 -2.19 -17.46
C ALA B 305 4.19 -1.34 -16.97
N TYR B 320 7.00 8.63 -16.82
CA TYR B 320 8.10 9.52 -17.18
C TYR B 320 7.86 10.44 -18.40
N ILE B 321 7.46 11.67 -18.11
CA ILE B 321 7.21 12.69 -19.13
C ILE B 321 8.29 13.75 -19.05
N LYS B 322 9.08 13.91 -20.12
CA LYS B 322 10.12 14.94 -20.15
C LYS B 322 9.49 16.28 -20.53
N LEU B 323 9.89 17.34 -19.85
CA LEU B 323 9.34 18.65 -20.13
C LEU B 323 10.38 19.69 -20.58
N TYR B 324 10.15 20.22 -21.77
CA TYR B 324 10.99 21.24 -22.37
C TYR B 324 10.19 22.53 -22.50
N VAL B 325 10.87 23.68 -22.43
CA VAL B 325 10.24 24.97 -22.67
C VAL B 325 11.12 25.69 -23.70
N ARG B 326 10.52 26.13 -24.81
CA ARG B 326 11.25 26.79 -25.92
C ARG B 326 12.44 25.94 -26.36
N ARG B 327 12.25 24.63 -26.46
CA ARG B 327 13.30 23.66 -26.83
C ARG B 327 14.42 23.48 -25.79
N VAL B 328 14.27 24.09 -24.61
CA VAL B 328 15.25 23.95 -23.52
C VAL B 328 14.73 22.95 -22.48
N PHE B 329 15.49 21.87 -22.24
CA PHE B 329 15.10 20.83 -21.27
C PHE B 329 14.97 21.36 -19.85
N ILE B 330 13.87 21.03 -19.19
CA ILE B 330 13.65 21.48 -17.82
C ILE B 330 13.72 20.33 -16.83
N THR B 331 12.86 19.33 -16.98
CA THR B 331 12.82 18.25 -16.01
C THR B 331 12.03 17.04 -16.45
N ASP B 332 12.23 15.95 -15.73
CA ASP B 332 11.47 14.72 -15.93
C ASP B 332 11.09 14.21 -14.53
N ASP B 333 11.21 15.11 -13.56
CA ASP B 333 10.93 14.86 -12.15
C ASP B 333 9.63 15.48 -11.64
N PHE B 334 8.76 15.89 -12.56
CA PHE B 334 7.45 16.41 -12.21
C PHE B 334 6.59 15.18 -12.31
N HIS B 335 6.47 14.46 -11.20
CA HIS B 335 5.76 13.18 -11.18
C HIS B 335 4.23 13.22 -11.33
N ASP B 336 3.66 14.42 -11.34
CA ASP B 336 2.22 14.54 -11.46
C ASP B 336 1.80 15.15 -12.80
N MET B 337 2.61 14.91 -13.84
CA MET B 337 2.31 15.39 -15.21
C MET B 337 1.13 14.66 -15.82
N MET B 338 0.92 13.42 -15.36
CA MET B 338 -0.18 12.58 -15.79
C MET B 338 -0.89 12.12 -14.54
N PRO B 339 -2.19 11.76 -14.64
CA PRO B 339 -2.85 11.25 -13.45
C PRO B 339 -2.32 9.85 -13.19
N LYS B 340 -2.33 9.45 -11.92
CA LYS B 340 -1.79 8.16 -11.49
C LYS B 340 -2.19 6.96 -12.34
N TYR B 341 -3.43 6.95 -12.85
CA TYR B 341 -3.90 5.86 -13.69
C TYR B 341 -3.25 5.80 -15.08
N LEU B 342 -2.53 6.85 -15.48
CA LEU B 342 -1.84 6.84 -16.78
C LEU B 342 -0.32 6.93 -16.63
N ASN B 343 0.15 6.60 -15.42
CA ASN B 343 1.57 6.62 -15.06
C ASN B 343 2.49 5.84 -16.00
N PHE B 344 1.91 5.07 -16.92
CA PHE B 344 2.68 4.25 -17.84
C PHE B 344 3.07 5.01 -19.09
N VAL B 345 2.37 6.09 -19.38
CA VAL B 345 2.64 6.88 -20.58
C VAL B 345 4.02 7.52 -20.52
N LYS B 346 4.74 7.43 -21.64
CA LYS B 346 6.08 8.00 -21.76
C LYS B 346 6.05 9.05 -22.85
N GLY B 347 6.86 10.08 -22.74
CA GLY B 347 6.88 11.10 -23.77
C GLY B 347 7.58 12.42 -23.48
N VAL B 348 7.41 13.35 -24.41
CA VAL B 348 8.00 14.68 -24.33
C VAL B 348 6.94 15.74 -24.54
N VAL B 349 7.07 16.83 -23.80
CA VAL B 349 6.19 17.98 -23.97
C VAL B 349 7.10 19.19 -24.16
N ASP B 350 6.80 20.02 -25.16
CA ASP B 350 7.62 21.18 -25.43
C ASP B 350 6.76 22.41 -25.70
N SER B 351 6.69 23.33 -24.74
CA SER B 351 5.85 24.52 -24.88
C SER B 351 6.62 25.83 -25.09
N ASP B 352 5.99 26.75 -25.82
CA ASP B 352 6.57 28.06 -26.06
C ASP B 352 5.81 29.08 -25.22
N ASP B 353 4.81 28.60 -24.47
CA ASP B 353 3.96 29.47 -23.65
C ASP B 353 4.22 29.46 -22.15
N LEU B 354 5.14 28.61 -21.70
CA LEU B 354 5.50 28.56 -20.29
C LEU B 354 6.77 29.40 -20.04
N PRO B 355 6.92 29.95 -18.81
CA PRO B 355 8.10 30.72 -18.43
C PRO B 355 9.39 29.88 -18.48
N LEU B 356 10.48 30.49 -18.94
CA LEU B 356 11.76 29.83 -19.11
C LEU B 356 12.75 30.15 -18.00
N ASN B 357 12.76 31.41 -17.59
CA ASN B 357 13.70 31.88 -16.58
C ASN B 357 13.22 31.83 -15.13
N VAL B 358 12.13 31.12 -14.91
CA VAL B 358 11.55 30.94 -13.58
C VAL B 358 12.12 29.70 -12.87
N SER B 359 11.80 29.57 -11.59
CA SER B 359 12.24 28.45 -10.78
C SER B 359 11.45 27.18 -11.11
N ARG B 360 12.04 26.02 -10.82
CA ARG B 360 11.39 24.73 -11.06
C ARG B 360 10.12 24.56 -10.21
N GLU B 361 10.12 25.12 -9.01
CA GLU B 361 8.97 25.07 -8.13
C GLU B 361 7.86 25.93 -8.72
N THR B 362 8.21 27.18 -9.03
CA THR B 362 7.29 28.15 -9.63
C THR B 362 6.58 27.58 -10.86
N LEU B 363 7.37 26.98 -11.74
CA LEU B 363 6.88 26.40 -12.99
C LEU B 363 5.99 25.17 -12.78
N GLN B 364 6.16 24.49 -11.65
CA GLN B 364 5.34 23.31 -11.35
C GLN B 364 3.92 23.68 -10.92
N GLN B 365 3.77 24.86 -10.32
CA GLN B 365 2.44 25.33 -9.87
C GLN B 365 1.79 26.33 -10.84
N HIS B 366 2.46 26.60 -11.96
CA HIS B 366 1.95 27.56 -12.95
C HIS B 366 0.58 27.14 -13.50
N LYS B 367 -0.28 28.12 -13.70
CA LYS B 367 -1.65 27.90 -14.17
C LYS B 367 -1.77 27.24 -15.55
N LEU B 368 -0.85 27.56 -16.45
CA LEU B 368 -0.87 26.98 -17.80
C LEU B 368 -0.49 25.51 -17.84
N LEU B 369 0.35 25.09 -16.90
CA LEU B 369 0.79 23.69 -16.85
C LEU B 369 -0.40 22.75 -16.65
N LYS B 370 -1.40 23.22 -15.89
CA LYS B 370 -2.59 22.44 -15.60
C LYS B 370 -3.46 22.29 -16.85
N VAL B 371 -3.32 23.22 -17.78
CA VAL B 371 -4.06 23.19 -19.05
C VAL B 371 -3.33 22.22 -19.97
N ILE B 372 -2.03 22.05 -19.74
CA ILE B 372 -1.23 21.11 -20.51
C ILE B 372 -1.56 19.71 -20.03
N ARG B 373 -1.72 19.56 -18.71
CA ARG B 373 -2.02 18.26 -18.13
C ARG B 373 -3.37 17.71 -18.58
N LYS B 374 -4.38 18.57 -18.62
CA LYS B 374 -5.71 18.15 -19.07
C LYS B 374 -5.71 17.82 -20.55
N LYS B 375 -4.82 18.44 -21.31
CA LYS B 375 -4.70 18.16 -22.74
C LYS B 375 -3.90 16.88 -22.98
N LEU B 376 -3.03 16.51 -22.04
CA LEU B 376 -2.25 15.29 -22.22
C LEU B 376 -3.13 14.07 -22.05
N VAL B 377 -4.08 14.15 -21.11
CA VAL B 377 -4.97 13.06 -20.83
C VAL B 377 -5.85 12.76 -22.04
N ARG B 378 -6.41 13.81 -22.64
CA ARG B 378 -7.31 13.64 -23.78
C ARG B 378 -6.61 13.10 -25.02
N LYS B 379 -5.38 13.56 -25.26
CA LYS B 379 -4.65 13.07 -26.43
C LYS B 379 -4.18 11.64 -26.20
N THR B 380 -3.98 11.29 -24.93
CA THR B 380 -3.62 9.94 -24.53
C THR B 380 -4.81 9.01 -24.76
N LEU B 381 -6.01 9.44 -24.36
CA LEU B 381 -7.21 8.64 -24.55
C LEU B 381 -7.51 8.55 -26.05
N ASP B 382 -7.17 9.60 -26.79
CA ASP B 382 -7.31 9.58 -28.25
C ASP B 382 -6.37 8.51 -28.79
N MET B 383 -5.17 8.42 -28.24
CA MET B 383 -4.16 7.45 -28.67
C MET B 383 -4.63 6.02 -28.41
N ILE B 384 -5.18 5.79 -27.22
CA ILE B 384 -5.69 4.50 -26.82
C ILE B 384 -6.87 4.07 -27.68
N LYS B 385 -7.73 5.03 -28.02
CA LYS B 385 -8.90 4.77 -28.87
C LYS B 385 -8.49 4.50 -30.33
N LYS B 386 -7.34 5.03 -30.74
CA LYS B 386 -6.84 4.84 -32.11
C LYS B 386 -6.32 3.41 -32.36
N ILE B 387 -6.11 2.64 -31.30
CA ILE B 387 -5.61 1.27 -31.44
C ILE B 387 -6.70 0.35 -32.03
N ALA B 388 -6.30 -0.49 -32.99
CA ALA B 388 -7.20 -1.44 -33.66
C ALA B 388 -7.85 -2.41 -32.68
N ASP B 389 -9.10 -2.75 -32.95
CA ASP B 389 -9.94 -3.62 -32.11
C ASP B 389 -9.30 -4.91 -31.53
N GLU B 390 -8.59 -5.67 -32.35
CA GLU B 390 -7.99 -6.90 -31.83
C GLU B 390 -6.78 -6.65 -30.93
N LYS B 391 -5.89 -5.76 -31.33
CA LYS B 391 -4.73 -5.43 -30.54
C LYS B 391 -5.23 -4.75 -29.28
N TYR B 392 -6.30 -3.98 -29.41
CA TYR B 392 -6.85 -3.35 -28.24
C TYR B 392 -7.25 -4.39 -27.18
N ASN B 393 -8.01 -5.40 -27.59
CA ASN B 393 -8.47 -6.44 -26.64
C ASN B 393 -7.42 -7.45 -26.20
N ASP B 394 -6.71 -8.02 -27.16
CA ASP B 394 -5.76 -9.07 -26.84
C ASP B 394 -4.42 -8.60 -26.31
N THR B 395 -4.12 -7.31 -26.49
CA THR B 395 -2.83 -6.75 -26.11
C THR B 395 -2.93 -5.57 -25.17
N PHE B 396 -3.54 -4.47 -25.62
CA PHE B 396 -3.65 -3.31 -24.74
C PHE B 396 -4.39 -3.63 -23.47
N TRP B 397 -5.62 -4.14 -23.62
CA TRP B 397 -6.46 -4.42 -22.48
C TRP B 397 -5.83 -5.40 -21.48
N LYS B 398 -5.18 -6.45 -21.97
CA LYS B 398 -4.55 -7.42 -21.08
C LYS B 398 -3.53 -6.74 -20.17
N GLU B 399 -2.83 -5.73 -20.71
CA GLU B 399 -1.80 -5.00 -19.96
C GLU B 399 -2.30 -3.85 -19.13
N PHE B 400 -3.19 -3.04 -19.68
CA PHE B 400 -3.60 -1.82 -18.96
C PHE B 400 -5.07 -1.72 -18.59
N GLY B 401 -5.78 -2.84 -18.68
CA GLY B 401 -7.20 -2.89 -18.37
C GLY B 401 -7.52 -2.40 -16.98
N THR B 402 -6.66 -2.71 -16.02
CA THR B 402 -6.87 -2.25 -14.64
C THR B 402 -6.73 -0.71 -14.56
N ASN B 403 -5.89 -0.13 -15.41
CA ASN B 403 -5.73 1.32 -15.43
C ASN B 403 -7.00 2.02 -15.88
N ILE B 404 -7.63 1.51 -16.94
CA ILE B 404 -8.88 2.10 -17.42
C ILE B 404 -9.96 2.01 -16.31
N LYS B 405 -9.98 0.89 -15.59
CA LYS B 405 -10.93 0.71 -14.49
C LYS B 405 -10.66 1.71 -13.36
N LEU B 406 -9.39 1.94 -13.05
CA LEU B 406 -9.03 2.90 -12.01
C LEU B 406 -9.34 4.29 -12.50
N GLY B 407 -9.19 4.49 -13.81
CA GLY B 407 -9.48 5.76 -14.44
C GLY B 407 -10.94 6.13 -14.28
N VAL B 408 -11.81 5.21 -14.69
CA VAL B 408 -13.26 5.41 -14.59
C VAL B 408 -13.66 5.98 -13.25
N ILE B 409 -13.02 5.49 -12.19
CA ILE B 409 -13.31 5.92 -10.82
C ILE B 409 -12.67 7.27 -10.45
N GLU B 410 -11.42 7.43 -10.83
CA GLU B 410 -10.64 8.61 -10.48
C GLU B 410 -10.90 9.85 -11.35
N ASP B 411 -11.13 9.64 -12.64
CA ASP B 411 -11.26 10.74 -13.60
C ASP B 411 -12.72 11.11 -13.97
N HIS B 412 -13.25 12.14 -13.31
CA HIS B 412 -14.62 12.62 -13.51
C HIS B 412 -14.85 13.19 -14.91
N SER B 413 -13.92 14.03 -15.37
CA SER B 413 -14.01 14.68 -16.68
C SER B 413 -13.95 13.71 -17.86
N ASN B 414 -13.19 12.63 -17.72
CA ASN B 414 -13.05 11.70 -18.84
C ASN B 414 -13.79 10.38 -18.65
N ARG B 415 -14.68 10.34 -17.67
CA ARG B 415 -15.42 9.12 -17.35
C ARG B 415 -16.14 8.47 -18.54
N THR B 416 -16.96 9.24 -19.26
CA THR B 416 -17.70 8.72 -20.41
C THR B 416 -16.73 8.11 -21.42
N ARG B 417 -15.64 8.80 -21.70
CA ARG B 417 -14.63 8.27 -22.59
C ARG B 417 -13.98 6.97 -22.06
N LEU B 418 -13.72 6.91 -20.75
CA LEU B 418 -13.11 5.73 -20.15
C LEU B 418 -14.08 4.55 -20.12
N ALA B 419 -15.37 4.86 -19.95
CA ALA B 419 -16.43 3.87 -19.95
C ALA B 419 -16.42 3.06 -21.24
N LYS B 420 -16.22 3.71 -22.38
CA LYS B 420 -16.21 3.04 -23.67
C LYS B 420 -14.97 2.21 -23.91
N LEU B 421 -13.92 2.44 -23.13
CA LEU B 421 -12.69 1.65 -23.28
C LEU B 421 -12.71 0.38 -22.43
N LEU B 422 -13.66 0.28 -21.50
CA LEU B 422 -13.78 -0.90 -20.62
C LEU B 422 -14.10 -2.17 -21.42
N ARG B 423 -13.66 -3.31 -20.89
CA ARG B 423 -13.94 -4.61 -21.47
C ARG B 423 -14.20 -5.60 -20.34
N PHE B 424 -15.26 -6.39 -20.45
CA PHE B 424 -15.54 -7.40 -19.43
C PHE B 424 -16.01 -8.66 -20.12
N GLN B 425 -15.82 -9.81 -19.48
CA GLN B 425 -16.33 -11.06 -20.01
C GLN B 425 -17.83 -11.00 -19.79
N SER B 426 -18.60 -11.63 -20.67
CA SER B 426 -20.02 -11.72 -20.48
C SER B 426 -20.55 -13.10 -20.84
N SER B 427 -21.82 -13.35 -20.51
CA SER B 427 -22.44 -14.62 -20.91
C SER B 427 -22.47 -14.77 -22.44
N HIS B 428 -22.25 -13.70 -23.21
CA HIS B 428 -22.33 -13.81 -24.69
C HIS B 428 -21.47 -14.93 -25.21
N HIS B 429 -20.18 -14.93 -24.88
CA HIS B 429 -19.18 -15.94 -25.29
C HIS B 429 -18.49 -16.53 -24.06
N PRO B 430 -17.97 -17.78 -24.14
CA PRO B 430 -17.26 -18.35 -22.98
C PRO B 430 -15.94 -17.66 -22.55
N SER B 431 -15.24 -16.98 -23.46
CA SER B 431 -14.00 -16.30 -23.08
C SER B 431 -13.73 -14.90 -23.67
N ASP B 432 -14.36 -14.58 -24.79
CA ASP B 432 -14.17 -13.29 -25.43
C ASP B 432 -14.64 -12.17 -24.53
N ILE B 433 -13.91 -11.05 -24.56
CA ILE B 433 -14.29 -9.92 -23.73
C ILE B 433 -15.16 -9.01 -24.56
N THR B 434 -16.07 -8.29 -23.89
CA THR B 434 -16.98 -7.42 -24.61
C THR B 434 -16.94 -5.96 -24.12
N SER B 435 -17.16 -5.01 -25.02
CA SER B 435 -17.26 -3.60 -24.61
C SER B 435 -18.71 -3.34 -24.20
N LEU B 436 -18.94 -2.25 -23.47
CA LEU B 436 -20.29 -1.88 -23.04
C LEU B 436 -21.20 -1.52 -24.20
N ASP B 437 -20.64 -0.93 -25.26
CA ASP B 437 -21.40 -0.62 -26.47
C ASP B 437 -21.92 -1.88 -27.14
N GLN B 438 -21.06 -2.91 -27.20
CA GLN B 438 -21.42 -4.18 -27.86
C GLN B 438 -22.54 -4.89 -27.11
N TYR B 439 -22.53 -4.75 -25.79
CA TYR B 439 -23.58 -5.29 -24.95
C TYR B 439 -24.89 -4.56 -25.28
N VAL B 440 -24.79 -3.24 -25.37
CA VAL B 440 -25.95 -2.38 -25.63
C VAL B 440 -26.63 -2.74 -26.94
N GLU B 441 -25.85 -2.86 -28.01
CA GLU B 441 -26.33 -3.23 -29.34
C GLU B 441 -27.03 -4.62 -29.32
N ARG B 442 -26.68 -5.45 -28.35
CA ARG B 442 -27.27 -6.78 -28.18
C ARG B 442 -28.49 -6.84 -27.25
N MET B 443 -28.76 -5.75 -26.54
CA MET B 443 -29.91 -5.67 -25.62
C MET B 443 -31.26 -5.88 -26.29
N LYS B 444 -32.24 -6.41 -25.56
CA LYS B 444 -33.59 -6.59 -26.13
C LYS B 444 -34.33 -5.25 -26.19
N GLU B 445 -35.23 -5.14 -27.16
CA GLU B 445 -36.02 -3.92 -27.38
C GLU B 445 -36.51 -3.25 -26.10
N LYS B 446 -37.06 -4.04 -25.18
CA LYS B 446 -37.61 -3.51 -23.93
C LYS B 446 -36.75 -3.77 -22.69
N GLN B 447 -35.44 -3.80 -22.88
CA GLN B 447 -34.51 -4.01 -21.77
C GLN B 447 -33.88 -2.69 -21.45
N ASP B 448 -34.04 -2.24 -20.20
CA ASP B 448 -33.48 -0.97 -19.78
C ASP B 448 -32.28 -1.09 -18.83
N LYS B 449 -31.92 -2.31 -18.47
CA LYS B 449 -30.81 -2.50 -17.54
C LYS B 449 -29.66 -3.34 -18.08
N ILE B 450 -28.44 -2.99 -17.69
CA ILE B 450 -27.25 -3.77 -18.03
C ILE B 450 -27.03 -4.72 -16.85
N TYR B 451 -27.19 -6.03 -17.08
CA TYR B 451 -27.11 -7.01 -16.00
C TYR B 451 -25.72 -7.49 -15.71
N PHE B 452 -25.35 -7.51 -14.44
CA PHE B 452 -24.03 -8.04 -14.11
C PHE B 452 -24.01 -8.96 -12.88
N MET B 453 -23.12 -9.96 -12.95
CA MET B 453 -22.91 -10.89 -11.85
C MET B 453 -21.46 -10.73 -11.42
N ALA B 454 -21.22 -10.52 -10.15
CA ALA B 454 -19.85 -10.32 -9.68
C ALA B 454 -19.36 -11.55 -8.93
N GLY B 455 -18.11 -11.95 -9.13
CA GLY B 455 -17.57 -13.10 -8.41
C GLY B 455 -16.07 -13.18 -8.26
N SER B 456 -15.58 -14.30 -7.75
CA SER B 456 -14.15 -14.48 -7.57
C SER B 456 -13.54 -15.07 -8.84
N SER B 457 -14.39 -15.62 -9.70
CA SER B 457 -13.95 -16.24 -10.96
C SER B 457 -15.07 -16.32 -11.96
N ARG B 458 -14.73 -16.65 -13.18
CA ARG B 458 -15.68 -16.82 -14.24
C ARG B 458 -16.68 -17.93 -13.87
N LYS B 459 -16.14 -19.08 -13.46
CA LYS B 459 -16.96 -20.24 -13.11
C LYS B 459 -17.99 -19.95 -12.01
N GLU B 460 -17.61 -19.27 -10.92
CA GLU B 460 -18.62 -19.05 -9.87
C GLU B 460 -19.68 -18.04 -10.27
N ALA B 461 -19.30 -17.08 -11.07
CA ALA B 461 -20.24 -16.07 -11.52
C ALA B 461 -21.25 -16.68 -12.46
N GLU B 462 -20.78 -17.45 -13.44
CA GLU B 462 -21.68 -18.05 -14.43
C GLU B 462 -22.53 -19.23 -13.92
N SER B 463 -22.13 -19.87 -12.84
CA SER B 463 -22.87 -21.03 -12.39
C SER B 463 -23.87 -20.66 -11.29
N SER B 464 -23.92 -19.35 -11.02
CA SER B 464 -24.78 -18.74 -10.02
C SER B 464 -26.24 -19.01 -10.32
N PRO B 465 -27.08 -19.15 -9.28
CA PRO B 465 -28.52 -19.33 -9.51
C PRO B 465 -29.15 -18.06 -10.10
N PHE B 466 -28.70 -16.89 -9.65
CA PHE B 466 -29.21 -15.58 -10.09
C PHE B 466 -29.32 -15.33 -11.60
N VAL B 467 -28.48 -15.99 -12.38
CA VAL B 467 -28.50 -15.76 -13.82
C VAL B 467 -29.31 -16.80 -14.56
N GLU B 468 -29.91 -17.76 -13.85
CA GLU B 468 -30.62 -18.85 -14.55
C GLU B 468 -31.70 -18.44 -15.54
N ARG B 469 -32.70 -17.71 -15.09
CA ARG B 469 -33.79 -17.32 -16.00
C ARG B 469 -33.41 -16.20 -16.96
N LEU B 470 -32.57 -15.27 -16.53
CA LEU B 470 -32.08 -14.19 -17.39
C LEU B 470 -31.37 -14.80 -18.58
N LEU B 471 -30.55 -15.82 -18.29
CA LEU B 471 -29.87 -16.53 -19.36
C LEU B 471 -30.86 -17.27 -20.23
N LYS B 472 -31.86 -17.88 -19.62
CA LYS B 472 -32.80 -18.68 -20.44
C LYS B 472 -33.62 -17.80 -21.34
N LYS B 473 -34.01 -16.63 -20.83
CA LYS B 473 -34.80 -15.71 -21.64
C LYS B 473 -34.01 -14.96 -22.71
N GLY B 474 -32.67 -15.09 -22.71
CA GLY B 474 -31.86 -14.45 -23.72
C GLY B 474 -31.23 -13.11 -23.39
N TYR B 475 -31.21 -12.77 -22.11
CA TYR B 475 -30.57 -11.55 -21.64
C TYR B 475 -29.10 -11.88 -21.44
N GLU B 476 -28.22 -10.95 -21.78
CA GLU B 476 -26.79 -11.13 -21.62
C GLU B 476 -26.42 -10.64 -20.24
N VAL B 477 -25.49 -11.32 -19.56
CA VAL B 477 -25.06 -10.93 -18.23
C VAL B 477 -23.55 -10.70 -18.19
N ILE B 478 -23.13 -9.50 -17.78
CA ILE B 478 -21.71 -9.21 -17.66
C ILE B 478 -21.16 -9.96 -16.44
N TYR B 479 -19.98 -10.55 -16.57
CA TYR B 479 -19.36 -11.22 -15.43
C TYR B 479 -18.15 -10.44 -14.99
N LEU B 480 -18.17 -10.00 -13.73
CA LEU B 480 -17.08 -9.24 -13.16
C LEU B 480 -16.28 -10.19 -12.25
N THR B 481 -15.01 -10.38 -12.56
CA THR B 481 -14.23 -11.35 -11.82
C THR B 481 -13.08 -10.77 -11.04
N GLU B 482 -12.88 -9.45 -11.11
CA GLU B 482 -11.77 -8.81 -10.42
C GLU B 482 -12.22 -7.89 -9.29
N PRO B 483 -11.37 -7.68 -8.28
CA PRO B 483 -11.85 -6.90 -7.13
C PRO B 483 -12.20 -5.45 -7.45
N VAL B 484 -11.51 -4.85 -8.41
CA VAL B 484 -11.77 -3.47 -8.76
C VAL B 484 -13.04 -3.32 -9.63
N ASP B 485 -13.46 -4.38 -10.32
CA ASP B 485 -14.63 -4.34 -11.23
C ASP B 485 -15.88 -3.79 -10.61
N GLU B 486 -16.13 -4.24 -9.38
CA GLU B 486 -17.31 -3.83 -8.64
C GLU B 486 -17.26 -2.34 -8.42
N TYR B 487 -16.10 -1.85 -8.00
CA TYR B 487 -15.91 -0.43 -7.71
C TYR B 487 -16.05 0.38 -8.98
N CYS B 488 -15.48 -0.15 -10.05
CA CYS B 488 -15.54 0.46 -11.36
C CYS B 488 -16.97 0.73 -11.83
N ILE B 489 -17.80 -0.31 -11.86
CA ILE B 489 -19.21 -0.19 -12.25
C ILE B 489 -19.98 0.74 -11.29
N GLN B 490 -19.61 0.73 -10.01
CA GLN B 490 -20.26 1.56 -9.01
C GLN B 490 -20.01 3.06 -9.26
N ALA B 491 -18.88 3.37 -9.90
CA ALA B 491 -18.53 4.76 -10.21
C ALA B 491 -19.22 5.17 -11.49
N LEU B 492 -19.89 4.23 -12.12
CA LEU B 492 -20.56 4.47 -13.38
C LEU B 492 -22.08 4.34 -13.14
N PRO B 493 -22.74 5.48 -12.94
CA PRO B 493 -24.17 5.47 -12.62
C PRO B 493 -25.06 5.11 -13.80
N GLU B 494 -24.50 5.10 -15.00
CA GLU B 494 -25.25 4.75 -16.20
C GLU B 494 -24.30 4.70 -17.36
N PHE B 495 -24.68 3.94 -18.38
CA PHE B 495 -23.91 3.91 -19.60
C PHE B 495 -24.90 4.01 -20.74
N ASP B 496 -24.77 5.07 -21.53
CA ASP B 496 -25.61 5.30 -22.69
C ASP B 496 -27.11 5.23 -22.36
N GLY B 497 -27.49 5.87 -21.25
CA GLY B 497 -28.88 5.92 -20.80
C GLY B 497 -29.41 4.72 -20.00
N LYS B 498 -28.61 3.67 -19.91
CA LYS B 498 -29.00 2.45 -19.21
C LYS B 498 -28.33 2.31 -17.85
N ARG B 499 -29.12 1.90 -16.85
CA ARG B 499 -28.58 1.67 -15.51
C ARG B 499 -28.07 0.22 -15.39
N PHE B 500 -27.00 0.01 -14.63
CA PHE B 500 -26.49 -1.33 -14.36
C PHE B 500 -27.35 -1.97 -13.28
N GLN B 501 -27.57 -3.27 -13.38
CA GLN B 501 -28.31 -4.01 -12.34
C GLN B 501 -27.55 -5.27 -11.93
N ASN B 502 -27.27 -5.39 -10.63
CA ASN B 502 -26.61 -6.55 -10.08
C ASN B 502 -27.66 -7.66 -9.95
N VAL B 503 -27.42 -8.78 -10.64
CA VAL B 503 -28.33 -9.92 -10.62
C VAL B 503 -28.48 -10.61 -9.26
N ALA B 504 -27.70 -10.20 -8.27
CA ALA B 504 -27.77 -10.74 -6.90
C ALA B 504 -28.60 -9.84 -6.02
N LYS B 505 -29.11 -8.77 -6.61
CA LYS B 505 -29.95 -7.84 -5.86
C LYS B 505 -31.32 -7.77 -6.50
N GLU B 506 -32.29 -7.27 -5.76
CA GLU B 506 -33.64 -7.11 -6.26
C GLU B 506 -33.62 -5.98 -7.28
N GLY B 507 -34.40 -6.13 -8.34
CA GLY B 507 -34.47 -5.13 -9.38
C GLY B 507 -34.38 -5.76 -10.75
N VAL B 508 -34.23 -7.08 -10.76
CA VAL B 508 -34.20 -7.85 -11.99
C VAL B 508 -35.61 -7.82 -12.53
N LYS B 509 -35.78 -7.15 -13.66
CA LYS B 509 -37.09 -6.97 -14.24
C LYS B 509 -37.53 -8.04 -15.23
N PHE B 510 -38.66 -8.67 -14.91
CA PHE B 510 -39.29 -9.63 -15.78
C PHE B 510 -40.73 -9.18 -16.07
N ASP B 511 -40.96 -8.75 -17.31
CA ASP B 511 -42.26 -8.25 -17.74
C ASP B 511 -43.24 -9.38 -18.09
N GLU B 512 -44.52 -9.04 -18.12
CA GLU B 512 -45.60 -9.98 -18.41
C GLU B 512 -46.83 -9.22 -18.88
N SER B 513 -47.72 -9.89 -19.62
CA SER B 513 -48.95 -9.28 -20.08
C SER B 513 -50.05 -9.44 -19.02
N GLU B 514 -51.23 -8.87 -19.27
CA GLU B 514 -52.35 -8.94 -18.32
C GLU B 514 -52.68 -10.36 -17.88
N LYS B 515 -52.98 -11.22 -18.87
CA LYS B 515 -53.33 -12.61 -18.63
C LYS B 515 -52.16 -13.48 -18.14
N THR B 516 -50.97 -12.90 -18.14
CA THR B 516 -49.75 -13.58 -17.70
C THR B 516 -49.46 -13.21 -16.24
N LYS B 517 -49.95 -12.04 -15.82
CA LYS B 517 -49.77 -11.53 -14.46
C LYS B 517 -50.55 -12.31 -13.41
N GLU B 518 -51.77 -12.72 -13.78
CA GLU B 518 -52.64 -13.49 -12.90
C GLU B 518 -52.09 -14.89 -12.64
N SER B 519 -51.49 -15.48 -13.68
CA SER B 519 -50.90 -16.81 -13.62
C SER B 519 -49.84 -16.92 -12.52
N ARG B 520 -49.03 -15.89 -12.39
CA ARG B 520 -48.00 -15.83 -11.35
C ARG B 520 -48.63 -15.61 -9.99
N GLU B 521 -49.54 -14.65 -9.92
CA GLU B 521 -50.23 -14.27 -8.68
C GLU B 521 -51.01 -15.43 -8.02
N ALA B 522 -51.42 -16.41 -8.84
CA ALA B 522 -52.14 -17.59 -8.33
C ALA B 522 -51.16 -18.55 -7.68
N ILE B 523 -50.01 -18.72 -8.32
CA ILE B 523 -48.94 -19.59 -7.82
C ILE B 523 -48.33 -18.93 -6.57
N GLU B 524 -48.35 -17.60 -6.56
CA GLU B 524 -47.81 -16.80 -5.47
C GLU B 524 -48.60 -16.97 -4.19
N LYS B 525 -49.92 -17.14 -4.33
CA LYS B 525 -50.76 -17.31 -3.15
C LYS B 525 -50.89 -18.80 -2.80
N GLU B 526 -50.59 -19.66 -3.76
CA GLU B 526 -50.61 -21.11 -3.53
C GLU B 526 -49.46 -21.49 -2.59
N PHE B 527 -48.29 -20.91 -2.84
CA PHE B 527 -47.08 -21.18 -2.03
C PHE B 527 -46.93 -20.28 -0.80
N GLU B 528 -47.93 -19.44 -0.53
CA GLU B 528 -47.88 -18.50 0.59
C GLU B 528 -47.83 -19.17 1.98
N PRO B 529 -48.55 -20.30 2.18
CA PRO B 529 -48.38 -20.97 3.49
C PRO B 529 -46.92 -21.39 3.73
N LEU B 530 -46.23 -21.82 2.68
CA LEU B 530 -44.84 -22.22 2.78
C LEU B 530 -43.98 -20.99 3.12
N LEU B 531 -44.37 -19.83 2.57
CA LEU B 531 -43.69 -18.57 2.84
C LEU B 531 -43.75 -18.17 4.32
N ASN B 532 -44.95 -18.04 4.87
CA ASN B 532 -45.12 -17.70 6.27
C ASN B 532 -44.46 -18.69 7.22
N TRP B 533 -44.51 -19.97 6.85
CA TRP B 533 -43.91 -21.03 7.67
C TRP B 533 -42.39 -20.87 7.73
N MET B 534 -41.77 -20.56 6.60
CA MET B 534 -40.34 -20.33 6.54
C MET B 534 -39.97 -19.09 7.34
N LYS B 535 -40.76 -18.03 7.18
CA LYS B 535 -40.51 -16.76 7.86
C LYS B 535 -40.77 -16.76 9.38
N ASP B 536 -41.72 -17.58 9.85
CA ASP B 536 -42.05 -17.59 11.28
C ASP B 536 -41.77 -18.89 12.05
N LYS B 537 -41.00 -19.81 11.47
CA LYS B 537 -40.70 -21.07 12.14
C LYS B 537 -39.41 -21.75 11.62
N ALA B 538 -39.42 -22.15 10.36
CA ALA B 538 -38.29 -22.86 9.76
C ALA B 538 -37.00 -22.06 9.72
N LEU B 539 -37.13 -20.76 9.44
CA LEU B 539 -35.99 -19.86 9.32
C LEU B 539 -36.41 -18.55 10.01
N LYS B 540 -37.02 -18.66 11.19
CA LYS B 540 -37.59 -17.52 11.93
C LYS B 540 -36.77 -16.22 11.92
N ASP B 541 -35.61 -16.21 12.56
CA ASP B 541 -34.77 -15.01 12.57
C ASP B 541 -33.48 -15.18 11.77
N LYS B 542 -33.61 -15.86 10.63
CA LYS B 542 -32.48 -16.09 9.72
C LYS B 542 -32.73 -15.54 8.32
N ILE B 543 -33.99 -15.21 8.02
CA ILE B 543 -34.37 -14.62 6.73
C ILE B 543 -35.21 -13.37 6.92
N GLU B 544 -35.03 -12.40 6.02
CA GLU B 544 -35.77 -11.14 6.04
C GLU B 544 -37.21 -11.41 5.64
N LYS B 545 -37.36 -12.30 4.65
CA LYS B 545 -38.66 -12.70 4.12
C LYS B 545 -38.48 -13.82 3.09
N ALA B 546 -39.57 -14.50 2.75
CA ALA B 546 -39.53 -15.53 1.74
C ALA B 546 -40.51 -15.15 0.64
N VAL B 547 -40.07 -15.25 -0.61
CA VAL B 547 -40.93 -14.91 -1.74
C VAL B 547 -40.78 -15.93 -2.88
N VAL B 548 -41.78 -15.97 -3.77
CA VAL B 548 -41.74 -16.86 -4.92
C VAL B 548 -40.88 -16.17 -5.99
N SER B 549 -39.77 -16.82 -6.34
CA SER B 549 -38.82 -16.30 -7.30
C SER B 549 -39.29 -16.36 -8.73
N GLN B 550 -38.68 -15.51 -9.56
CA GLN B 550 -38.96 -15.42 -10.99
C GLN B 550 -37.63 -15.39 -11.72
N ARG B 551 -36.55 -15.66 -11.01
CA ARG B 551 -35.22 -15.64 -11.59
C ARG B 551 -34.53 -17.00 -11.65
N LEU B 552 -35.13 -18.00 -11.02
CA LEU B 552 -34.55 -19.34 -11.01
C LEU B 552 -35.23 -20.28 -12.02
N THR B 553 -34.46 -21.21 -12.57
CA THR B 553 -34.98 -22.26 -13.48
C THR B 553 -34.59 -23.65 -12.96
N GLU B 554 -33.30 -23.86 -12.73
CA GLU B 554 -32.80 -25.11 -12.19
C GLU B 554 -32.66 -25.10 -10.68
N SER B 555 -32.13 -24.01 -10.14
CA SER B 555 -31.89 -23.96 -8.71
C SER B 555 -33.17 -23.76 -7.92
N PRO B 556 -33.32 -24.54 -6.82
CA PRO B 556 -34.48 -24.49 -5.93
C PRO B 556 -34.66 -23.19 -5.16
N CYS B 557 -33.56 -22.52 -4.84
CA CYS B 557 -33.66 -21.31 -4.02
C CYS B 557 -32.38 -20.50 -4.04
N ALA B 558 -32.45 -19.26 -3.55
CA ALA B 558 -31.27 -18.37 -3.52
C ALA B 558 -31.46 -17.24 -2.52
N LEU B 559 -30.35 -16.66 -2.09
CA LEU B 559 -30.41 -15.53 -1.16
C LEU B 559 -30.16 -14.23 -1.91
N VAL B 560 -31.17 -13.36 -1.93
CA VAL B 560 -31.09 -12.08 -2.66
C VAL B 560 -31.00 -10.89 -1.71
N ALA B 561 -30.08 -9.98 -2.01
CA ALA B 561 -29.84 -8.82 -1.17
C ALA B 561 -30.58 -7.57 -1.61
N SER B 562 -30.84 -6.70 -0.63
CA SER B 562 -31.48 -5.40 -0.82
C SER B 562 -30.60 -4.50 -1.68
N GLN B 563 -31.23 -3.54 -2.37
CA GLN B 563 -30.50 -2.61 -3.25
C GLN B 563 -29.45 -1.76 -2.52
N TYR B 564 -29.74 -1.38 -1.28
CA TYR B 564 -28.78 -0.61 -0.48
C TYR B 564 -27.98 -1.52 0.45
N GLY B 565 -28.00 -2.82 0.15
CA GLY B 565 -27.31 -3.80 0.97
C GLY B 565 -26.11 -4.40 0.27
N TRP B 566 -25.37 -5.23 0.98
CA TRP B 566 -24.22 -5.88 0.38
C TRP B 566 -24.52 -7.28 -0.11
N SER B 567 -24.04 -7.57 -1.32
CA SER B 567 -24.23 -8.85 -1.98
C SER B 567 -23.17 -9.83 -1.52
N GLY B 568 -23.19 -11.03 -2.10
CA GLY B 568 -22.24 -12.08 -1.78
C GLY B 568 -20.79 -11.66 -2.01
N ASN B 569 -20.53 -11.19 -3.23
CA ASN B 569 -19.19 -10.77 -3.63
C ASN B 569 -18.70 -9.56 -2.83
N MET B 570 -19.58 -8.62 -2.55
CA MET B 570 -19.22 -7.44 -1.75
C MET B 570 -19.01 -7.78 -0.28
N GLU B 571 -19.56 -8.92 0.15
CA GLU B 571 -19.32 -9.40 1.49
C GLU B 571 -17.83 -9.70 1.48
N ARG B 572 -17.38 -10.59 0.59
CA ARG B 572 -15.96 -10.95 0.48
C ARG B 572 -15.06 -9.73 0.42
N ILE B 573 -15.21 -8.93 -0.64
CA ILE B 573 -14.41 -7.72 -0.86
C ILE B 573 -14.24 -6.87 0.41
N MET B 574 -15.33 -6.63 1.12
CA MET B 574 -15.28 -5.83 2.36
C MET B 574 -14.86 -6.67 3.58
N LYS B 575 -15.47 -7.85 3.73
CA LYS B 575 -15.20 -8.74 4.88
C LYS B 575 -13.79 -9.35 4.91
N ALA B 576 -13.15 -9.50 3.75
CA ALA B 576 -11.78 -10.01 3.67
C ALA B 576 -10.76 -8.87 3.61
N GLN B 577 -11.23 -7.65 3.85
CA GLN B 577 -10.36 -6.47 3.92
C GLN B 577 -10.59 -5.87 5.31
N ALA B 578 -11.68 -6.31 5.94
CA ALA B 578 -12.00 -5.91 7.30
C ALA B 578 -11.34 -6.93 8.22
N TYR B 579 -10.97 -8.06 7.63
CA TYR B 579 -10.28 -9.14 8.31
C TYR B 579 -8.77 -8.99 8.11
N GLN B 580 -8.39 -8.52 6.93
CA GLN B 580 -6.98 -8.33 6.58
C GLN B 580 -6.43 -7.01 7.11
N THR B 581 -7.21 -5.94 6.98
CA THR B 581 -6.75 -4.61 7.41
C THR B 581 -7.67 -3.93 8.43
N GLY B 582 -8.98 -4.15 8.29
CA GLY B 582 -9.98 -3.52 9.15
C GLY B 582 -10.02 -3.88 10.63
N LYS B 583 -10.13 -5.18 10.91
CA LYS B 583 -10.22 -5.72 12.28
C LYS B 583 -11.56 -5.39 12.96
N ASP B 584 -12.46 -6.37 12.96
CA ASP B 584 -13.81 -6.29 13.56
C ASP B 584 -14.77 -5.28 12.91
N ILE B 585 -15.60 -5.78 11.99
CA ILE B 585 -16.59 -4.96 11.29
C ILE B 585 -17.89 -5.74 11.10
N SER B 586 -18.67 -5.84 12.17
CA SER B 586 -19.94 -6.56 12.17
C SER B 586 -21.11 -5.64 12.48
N THR B 587 -20.88 -4.66 13.36
CA THR B 587 -21.91 -3.71 13.77
C THR B 587 -22.18 -2.68 12.67
N ASN B 588 -22.76 -3.15 11.57
CA ASN B 588 -23.13 -2.32 10.43
C ASN B 588 -24.48 -2.77 9.90
N TYR B 589 -25.36 -1.81 9.66
CA TYR B 589 -26.76 -2.04 9.24
C TYR B 589 -26.92 -3.02 8.08
N TYR B 590 -26.58 -2.58 6.87
CA TYR B 590 -26.73 -3.39 5.67
C TYR B 590 -25.56 -4.33 5.39
N ALA B 591 -24.78 -4.63 6.44
CA ALA B 591 -23.67 -5.55 6.33
C ALA B 591 -24.19 -6.96 6.52
N SER B 592 -24.04 -7.48 7.73
CA SER B 592 -24.54 -8.80 8.07
C SER B 592 -26.02 -8.70 8.44
N GLN B 593 -26.86 -8.52 7.43
CA GLN B 593 -28.31 -8.47 7.65
C GLN B 593 -28.97 -9.59 6.86
N LYS B 594 -30.16 -9.98 7.30
CA LYS B 594 -30.94 -11.06 6.71
C LYS B 594 -31.29 -10.71 5.27
N LYS B 595 -31.23 -11.70 4.38
CA LYS B 595 -31.51 -11.48 2.95
C LYS B 595 -32.89 -12.00 2.59
N THR B 596 -33.30 -11.76 1.35
CA THR B 596 -34.58 -12.23 0.84
C THR B 596 -34.38 -13.65 0.33
N PHE B 597 -35.11 -14.61 0.91
CA PHE B 597 -34.99 -16.01 0.50
C PHE B 597 -36.03 -16.29 -0.58
N GLU B 598 -35.57 -16.49 -1.81
CA GLU B 598 -36.47 -16.76 -2.94
C GLU B 598 -36.53 -18.24 -3.25
N ILE B 599 -37.74 -18.75 -3.47
CA ILE B 599 -37.94 -20.16 -3.78
C ILE B 599 -38.47 -20.41 -5.20
N ASN B 600 -38.09 -21.56 -5.77
CA ASN B 600 -38.49 -21.94 -7.13
C ASN B 600 -39.72 -22.82 -7.07
N PRO B 601 -40.89 -22.29 -7.48
CA PRO B 601 -42.16 -23.02 -7.43
C PRO B 601 -42.23 -24.27 -8.32
N ARG B 602 -41.42 -24.32 -9.36
CA ARG B 602 -41.44 -25.46 -10.29
C ARG B 602 -40.49 -26.59 -9.90
N HIS B 603 -39.73 -26.38 -8.83
CA HIS B 603 -38.74 -27.35 -8.38
C HIS B 603 -39.28 -28.33 -7.32
N PRO B 604 -39.24 -29.64 -7.62
CA PRO B 604 -39.71 -30.75 -6.77
C PRO B 604 -39.49 -30.60 -5.26
N LEU B 605 -38.32 -30.12 -4.84
CA LEU B 605 -38.07 -29.96 -3.40
C LEU B 605 -38.88 -28.84 -2.75
N ILE B 606 -39.48 -27.98 -3.57
CA ILE B 606 -40.31 -26.89 -3.09
C ILE B 606 -41.74 -27.34 -3.24
N LYS B 607 -41.99 -28.19 -4.25
CA LYS B 607 -43.31 -28.77 -4.48
C LYS B 607 -43.64 -29.74 -3.34
N ASP B 608 -42.66 -30.56 -2.98
CA ASP B 608 -42.82 -31.51 -1.90
C ASP B 608 -42.92 -30.79 -0.56
N MET B 609 -42.05 -29.78 -0.36
CA MET B 609 -42.05 -29.00 0.89
C MET B 609 -43.39 -28.31 1.10
N LEU B 610 -44.03 -27.88 0.02
CA LEU B 610 -45.35 -27.24 0.11
C LEU B 610 -46.40 -28.30 0.45
N ARG B 611 -46.43 -29.37 -0.35
CA ARG B 611 -47.36 -30.47 -0.19
C ARG B 611 -47.25 -31.06 1.22
N ARG B 612 -46.03 -31.11 1.74
CA ARG B 612 -45.80 -31.69 3.06
C ARG B 612 -45.98 -30.71 4.23
N VAL B 613 -45.88 -29.39 3.97
CA VAL B 613 -46.02 -28.40 5.04
C VAL B 613 -47.48 -28.22 5.48
N LYS B 614 -48.42 -28.49 4.57
CA LYS B 614 -49.85 -28.38 4.88
C LYS B 614 -50.35 -29.64 5.56
N GLU B 615 -49.46 -30.61 5.77
CA GLU B 615 -49.83 -31.89 6.36
C GLU B 615 -49.40 -32.10 7.81
N ASP B 616 -48.38 -31.37 8.27
CA ASP B 616 -47.94 -31.52 9.66
C ASP B 616 -47.50 -30.19 10.29
N GLU B 617 -46.39 -29.63 9.80
CA GLU B 617 -45.80 -28.37 10.29
C GLU B 617 -44.93 -28.54 11.54
N ASP B 618 -45.37 -29.40 12.44
CA ASP B 618 -44.65 -29.69 13.68
C ASP B 618 -43.47 -30.62 13.38
N ASP B 619 -43.42 -31.10 12.13
CA ASP B 619 -42.40 -32.02 11.66
C ASP B 619 -40.98 -31.42 11.63
N LYS B 620 -40.02 -32.17 12.17
CA LYS B 620 -38.64 -31.71 12.20
C LYS B 620 -37.89 -32.15 10.92
N THR B 621 -38.50 -33.06 10.16
CA THR B 621 -37.88 -33.53 8.91
C THR B 621 -37.82 -32.41 7.85
N VAL B 622 -38.99 -31.87 7.50
CA VAL B 622 -39.07 -30.77 6.53
C VAL B 622 -38.41 -29.51 7.09
N SER B 623 -38.40 -29.39 8.41
CA SER B 623 -37.74 -28.29 9.09
C SER B 623 -36.25 -28.45 8.83
N ASP B 624 -35.75 -29.67 8.93
CA ASP B 624 -34.35 -29.95 8.61
C ASP B 624 -34.09 -29.81 7.12
N LEU B 625 -35.12 -30.01 6.32
CA LEU B 625 -34.98 -29.85 4.90
C LEU B 625 -34.87 -28.36 4.57
N ALA B 626 -35.71 -27.55 5.21
CA ALA B 626 -35.71 -26.10 4.97
C ALA B 626 -34.39 -25.45 5.39
N VAL B 627 -33.85 -25.90 6.53
CA VAL B 627 -32.59 -25.35 7.01
C VAL B 627 -31.40 -25.81 6.13
N VAL B 628 -31.36 -27.08 5.75
CA VAL B 628 -30.27 -27.59 4.87
C VAL B 628 -30.29 -26.87 3.51
N LEU B 629 -31.49 -26.64 3.00
CA LEU B 629 -31.66 -26.00 1.71
C LEU B 629 -31.21 -24.54 1.80
N PHE B 630 -31.51 -23.90 2.93
CA PHE B 630 -31.15 -22.51 3.19
C PHE B 630 -29.65 -22.34 3.31
N GLU B 631 -29.00 -23.29 3.96
CA GLU B 631 -27.55 -23.24 4.12
C GLU B 631 -26.83 -23.56 2.82
N THR B 632 -27.41 -24.44 2.02
CA THR B 632 -26.81 -24.78 0.76
C THR B 632 -26.98 -23.57 -0.14
N ALA B 633 -28.20 -23.04 -0.21
CA ALA B 633 -28.47 -21.82 -0.95
C ALA B 633 -27.52 -20.67 -0.58
N THR B 634 -27.11 -20.57 0.68
CA THR B 634 -26.19 -19.54 1.15
C THR B 634 -24.84 -19.57 0.40
N LEU B 635 -24.20 -20.73 0.38
CA LEU B 635 -22.91 -20.91 -0.30
C LEU B 635 -23.09 -20.73 -1.80
N ARG B 636 -24.24 -21.20 -2.25
CA ARG B 636 -24.65 -21.16 -3.61
C ARG B 636 -24.78 -19.71 -4.08
N SER B 637 -25.26 -18.86 -3.16
CA SER B 637 -25.49 -17.44 -3.39
C SER B 637 -24.23 -16.63 -3.15
N GLY B 638 -23.20 -17.26 -2.59
CA GLY B 638 -21.93 -16.58 -2.36
C GLY B 638 -21.70 -15.91 -1.02
N TYR B 639 -22.43 -16.33 0.01
CA TYR B 639 -22.22 -15.81 1.37
C TYR B 639 -21.52 -16.87 2.22
N LEU B 640 -20.90 -16.50 3.32
CA LEU B 640 -20.25 -17.50 4.15
C LEU B 640 -21.29 -18.16 5.04
N LEU B 641 -21.00 -19.34 5.54
CA LEU B 641 -21.91 -20.00 6.45
C LEU B 641 -21.60 -19.50 7.86
N PRO B 642 -22.65 -19.18 8.64
CA PRO B 642 -22.46 -18.68 10.00
C PRO B 642 -21.90 -19.73 10.94
N ASP B 643 -22.03 -21.00 10.58
CA ASP B 643 -21.63 -22.12 11.43
C ASP B 643 -21.50 -23.40 10.59
N THR B 644 -20.27 -23.83 10.38
CA THR B 644 -20.01 -25.03 9.59
C THR B 644 -20.34 -26.33 10.35
N LYS B 645 -20.25 -26.33 11.70
CA LYS B 645 -20.54 -27.52 12.51
C LYS B 645 -22.03 -27.85 12.49
N ALA B 646 -22.86 -26.83 12.74
CA ALA B 646 -24.32 -26.97 12.69
C ALA B 646 -24.75 -27.48 11.32
N TYR B 647 -24.19 -26.91 10.26
CA TYR B 647 -24.53 -27.32 8.90
C TYR B 647 -24.11 -28.76 8.66
N GLY B 648 -22.96 -29.12 9.20
CA GLY B 648 -22.41 -30.46 9.03
C GLY B 648 -23.25 -31.48 9.74
N ASP B 649 -23.67 -31.15 10.97
CA ASP B 649 -24.52 -32.02 11.77
C ASP B 649 -25.83 -32.32 11.04
N ARG B 650 -26.38 -31.33 10.35
CA ARG B 650 -27.63 -31.52 9.63
C ARG B 650 -27.46 -32.44 8.43
N ILE B 651 -26.36 -32.28 7.69
CA ILE B 651 -26.09 -33.13 6.54
C ILE B 651 -25.99 -34.59 6.95
N GLU B 652 -25.17 -34.87 7.96
CA GLU B 652 -24.96 -36.23 8.43
C GLU B 652 -26.26 -36.90 8.90
N ARG B 653 -27.19 -36.13 9.47
CA ARG B 653 -28.49 -36.70 9.89
C ARG B 653 -29.34 -37.14 8.70
N MET B 654 -29.26 -36.38 7.60
CA MET B 654 -29.96 -36.75 6.39
C MET B 654 -29.30 -37.99 5.79
N LEU B 655 -27.97 -38.03 5.85
CA LEU B 655 -27.18 -39.14 5.32
C LEU B 655 -27.47 -40.42 6.06
N ARG B 656 -27.98 -40.28 7.28
CA ARG B 656 -28.35 -41.42 8.09
C ARG B 656 -29.61 -42.00 7.49
N LEU B 657 -30.57 -41.12 7.17
CA LEU B 657 -31.83 -41.50 6.55
C LEU B 657 -31.60 -42.19 5.21
N SER B 658 -30.92 -41.49 4.30
CA SER B 658 -30.58 -42.01 2.96
C SER B 658 -29.93 -43.39 2.96
N LEU B 659 -29.35 -43.79 4.09
CA LEU B 659 -28.66 -45.08 4.19
C LEU B 659 -29.49 -46.15 4.89
N ASN B 660 -30.14 -45.79 6.00
CA ASN B 660 -30.93 -46.73 6.80
C ASN B 660 -32.12 -47.30 6.00
N ILE B 661 -32.78 -46.43 5.23
CA ILE B 661 -33.91 -46.84 4.39
C ILE B 661 -34.04 -45.91 3.17
MG MG C . 3.30 26.25 14.60
MG MG D . -29.95 -29.47 -10.32
PB ADP E . 3.34 25.15 11.74
O1B ADP E . 4.52 25.35 10.88
O2B ADP E . 2.77 23.64 11.63
O3B ADP E . 3.63 25.31 13.31
PA ADP E . 1.76 27.50 12.05
O1A ADP E . 0.44 27.90 11.47
O2A ADP E . 1.93 27.44 13.52
O3A ADP E . 2.11 26.08 11.33
O5' ADP E . 2.88 28.43 11.33
C5' ADP E . 2.86 28.41 9.89
C4' ADP E . 4.18 28.89 9.25
O4' ADP E . 4.31 30.34 9.40
C3' ADP E . 5.45 28.34 9.87
O3' ADP E . 5.69 27.01 9.36
C2' ADP E . 6.47 29.33 9.32
O2' ADP E . 6.72 29.09 7.91
C1' ADP E . 5.72 30.66 9.47
N9 ADP E . 5.98 31.26 10.79
C8 ADP E . 5.10 31.40 11.78
N7 ADP E . 5.70 31.98 12.83
C5 ADP E . 6.98 32.19 12.49
C6 ADP E . 8.07 32.77 13.15
N6 ADP E . 7.99 33.22 14.41
N1 ADP E . 9.23 32.84 12.49
C2 ADP E . 9.37 32.39 11.27
N3 ADP E . 8.36 31.85 10.60
C4 ADP E . 7.15 31.75 11.20
MG MG F . 25.07 7.69 -17.86
MG MG G . -23.01 -34.43 15.34
PB ADP H . 24.53 8.43 -15.23
O1B ADP H . 24.85 9.38 -16.33
O2B ADP H . 23.80 9.18 -14.01
O3B ADP H . 23.52 7.26 -15.76
PA ADP H . 27.07 7.45 -15.61
O1A ADP H . 27.96 6.39 -15.07
O2A ADP H . 26.57 7.33 -16.99
O3A ADP H . 25.81 7.66 -14.64
O5' ADP H . 27.79 8.88 -15.41
C5' ADP H . 28.53 9.11 -14.21
C4' ADP H . 28.03 10.32 -13.38
O4' ADP H . 29.20 11.17 -13.26
C3' ADP H . 26.94 11.18 -14.02
O3' ADP H . 25.69 10.94 -13.36
C2' ADP H . 27.39 12.60 -13.73
O2' ADP H . 27.01 12.96 -12.40
C1' ADP H . 28.92 12.48 -13.81
N9 ADP H . 29.50 12.66 -15.21
C8 ADP H . 29.90 11.69 -16.05
N7 ADP H . 30.34 12.23 -17.18
C5 ADP H . 30.26 13.55 -17.06
C6 ADP H . 30.57 14.62 -17.90
N6 ADP H . 31.08 14.43 -19.11
N1 ADP H . 30.34 15.87 -17.45
C2 ADP H . 29.83 16.09 -16.25
N3 ADP H . 29.52 15.09 -15.43
C4 ADP H . 29.72 13.82 -15.81
#